data_3D45
#
_entry.id   3D45
#
_cell.length_a   58.013
_cell.length_b   128.350
_cell.length_c   176.844
_cell.angle_alpha   90.00
_cell.angle_beta   90.00
_cell.angle_gamma   90.00
#
_symmetry.space_group_name_H-M   'P 21 21 21'
#
loop_
_entity.id
_entity.type
_entity.pdbx_description
1 polymer 'Poly(A)-specific ribonuclease PARN'
2 non-polymer "7N-METHYL-8-HYDROGUANOSINE-5'-MONOPHOSPHATE"
3 non-polymer "GUANOSINE-5'-DIPHOSPHATE"
4 water water
#
_entity_poly.entity_id   1
_entity_poly.type   'polypeptide(L)'
_entity_poly.pdbx_seq_one_letter_code
;GPMEIIRSNFKINLHKVYQAIEEADFFAIDGEFSGISDGPSVTALTSGFDTPEERYQKLKKHSMDFLLFQFGLCAFKYDH
TDSKHVTKSFNFYVFPKPFSRSSPDVKFVCQSSSIDFLASQGFDFNKVFCSGIPYLNQEEERQLREQFDEKRSQANGAGA
LAKCPVTIPEDQKKFIDQVIEKIEDFLQSEEKRSLELDPCTGFQRKLIYQTLSWKYPKGIHVETLETDKKERHIVISKVD
EEERKRREQEKYTKEQEELNDAVGFSRVIHAIANSGKLVVGHNMLLDVMHTIHQFYCPLPADLNEFKEMAICVFPRLLDT
KLMASTQPFKDIINNTSLAELEKRLKETPFDPPKVESAEGFPSYDTASEQLHEAGYDAYITGLCFISMANYLGSLLSPPK
MCVSARSKLIEPFFNKLFLMRVMDIPYLNLEGPDLQPKRDHVLHVTFPKEWKTSDLYQLFSAFGNIQISWIDDTSAFVSL
SQPEQVQIAVNTSKYAESYRIQTYAEY
;
_entity_poly.pdbx_strand_id   A,B
#
loop_
_chem_comp.id
_chem_comp.type
_chem_comp.name
_chem_comp.formula
7MG RNA linking 7N-METHYL-8-HYDROGUANOSINE-5'-MONOPHOSPHATE 'C11 H18 N5 O8 P'
GDP RNA linking GUANOSINE-5'-DIPHOSPHATE 'C10 H15 N5 O11 P2'
#
# COMPACT_ATOMS: atom_id res chain seq x y z
N GLY A 1 -11.44 15.54 18.96
CA GLY A 1 -10.13 15.69 18.27
C GLY A 1 -10.07 17.03 17.57
N PRO A 2 -9.77 17.04 16.26
CA PRO A 2 -9.98 18.16 15.37
C PRO A 2 -11.17 17.79 14.50
N MET A 3 -11.39 18.51 13.41
CA MET A 3 -12.47 18.13 12.51
C MET A 3 -12.03 16.92 11.71
N GLU A 4 -12.94 15.97 11.56
CA GLU A 4 -12.70 14.79 10.74
C GLU A 4 -13.20 15.06 9.34
N ILE A 5 -12.34 15.57 8.47
CA ILE A 5 -12.79 15.86 7.13
C ILE A 5 -12.63 14.68 6.15
N ILE A 6 -13.75 14.08 5.77
CA ILE A 6 -13.74 12.95 4.83
C ILE A 6 -14.32 13.35 3.48
N ARG A 7 -14.54 12.38 2.60
CA ARG A 7 -15.03 12.65 1.25
C ARG A 7 -16.41 13.27 1.30
N SER A 8 -17.33 12.59 1.99
CA SER A 8 -18.73 12.97 2.05
C SER A 8 -19.01 14.34 2.69
N ASN A 9 -18.09 14.85 3.49
CA ASN A 9 -18.23 16.17 4.08
C ASN A 9 -17.16 17.21 3.70
N PHE A 10 -16.31 16.91 2.71
CA PHE A 10 -15.25 17.84 2.24
C PHE A 10 -15.82 19.14 1.68
N LYS A 11 -16.76 19.01 0.74
CA LYS A 11 -17.25 20.20 0.05
C LYS A 11 -17.95 21.19 0.99
N ILE A 12 -18.85 20.69 1.84
CA ILE A 12 -19.64 21.55 2.71
C ILE A 12 -18.71 22.27 3.70
N ASN A 13 -17.56 21.68 4.00
CA ASN A 13 -16.67 22.29 4.98
C ASN A 13 -15.64 23.19 4.41
N LEU A 14 -15.21 22.94 3.18
CA LEU A 14 -14.05 23.61 2.60
C LEU A 14 -13.84 25.07 3.01
N HIS A 15 -14.91 25.87 3.01
CA HIS A 15 -14.83 27.32 3.34
C HIS A 15 -14.29 27.60 4.77
N LYS A 16 -14.78 26.85 5.75
CA LYS A 16 -14.24 26.89 7.12
C LYS A 16 -12.72 26.74 7.16
N VAL A 17 -12.20 25.89 6.28
CA VAL A 17 -10.76 25.65 6.13
C VAL A 17 -10.07 26.89 5.57
N TYR A 18 -10.62 27.40 4.45
CA TYR A 18 -10.05 28.56 3.75
C TYR A 18 -9.94 29.76 4.67
N GLN A 19 -11.01 29.96 5.45
CA GLN A 19 -11.08 31.03 6.43
C GLN A 19 -9.99 30.93 7.47
N ALA A 20 -9.78 29.71 7.95
CA ALA A 20 -8.79 29.44 9.00
C ALA A 20 -7.38 29.76 8.50
N ILE A 21 -7.05 29.22 7.33
CA ILE A 21 -5.80 29.55 6.63
C ILE A 21 -5.64 31.06 6.44
N GLU A 22 -6.71 31.70 5.98
CA GLU A 22 -6.67 33.13 5.64
C GLU A 22 -6.62 34.00 6.88
N GLU A 23 -7.19 33.55 7.98
CA GLU A 23 -7.14 34.34 9.20
C GLU A 23 -5.98 33.93 10.12
N ALA A 24 -5.23 32.89 9.78
CA ALA A 24 -4.17 32.40 10.68
C ALA A 24 -2.87 33.20 10.65
N ASP A 25 -2.10 33.12 11.73
CA ASP A 25 -0.74 33.70 11.82
C ASP A 25 0.26 32.76 11.19
N PHE A 26 0.19 31.51 11.61
CA PHE A 26 0.91 30.41 10.97
C PHE A 26 0.04 29.18 11.16
N PHE A 27 0.35 28.14 10.40
CA PHE A 27 -0.21 26.86 10.75
C PHE A 27 0.88 25.82 10.83
N ALA A 28 0.57 24.78 11.59
CA ALA A 28 1.46 23.66 11.72
C ALA A 28 0.77 22.50 11.07
N ILE A 29 1.58 21.64 10.46
CA ILE A 29 1.06 20.49 9.70
C ILE A 29 1.75 19.22 10.10
N ASP A 30 1.13 18.10 9.73
CA ASP A 30 1.75 16.79 9.92
C ASP A 30 1.11 15.75 9.04
N GLY A 31 1.91 14.79 8.61
CA GLY A 31 1.40 13.71 7.79
C GLY A 31 1.51 12.37 8.48
N GLU A 32 0.49 11.53 8.29
CA GLU A 32 0.56 10.08 8.51
C GLU A 32 0.72 9.37 7.17
N PHE A 33 1.62 8.39 7.13
CA PHE A 33 1.99 7.71 5.89
C PHE A 33 1.66 6.21 5.92
N SER A 34 1.52 5.65 4.72
CA SER A 34 1.43 4.21 4.48
C SER A 34 2.62 3.40 5.03
N GLY A 35 3.78 4.07 5.16
CA GLY A 35 5.01 3.39 5.58
C GLY A 35 6.23 4.26 5.39
N ILE A 36 7.38 3.80 5.89
CA ILE A 36 8.62 4.61 5.86
C ILE A 36 9.63 4.15 4.82
N SER A 37 10.09 2.90 4.93
CA SER A 37 11.03 2.38 3.96
C SER A 37 10.65 1.02 3.50
N ASP A 38 10.61 0.80 2.19
CA ASP A 38 10.85 -0.55 1.69
C ASP A 38 12.26 -0.91 2.25
N SER A 47 22.78 5.73 4.44
CA SER A 47 22.87 6.91 5.29
C SER A 47 24.31 7.29 5.70
N GLY A 48 24.46 7.94 6.85
CA GLY A 48 25.78 8.29 7.38
C GLY A 48 26.49 9.40 6.63
N PHE A 49 27.26 9.03 5.62
CA PHE A 49 28.01 10.02 4.84
C PHE A 49 27.37 10.33 3.49
N ASP A 50 26.06 10.39 3.47
CA ASP A 50 25.38 10.84 2.27
C ASP A 50 25.57 12.34 2.15
N THR A 51 25.89 12.82 0.95
CA THR A 51 25.66 14.22 0.59
C THR A 51 24.14 14.43 0.65
N PRO A 52 23.66 15.58 1.17
CA PRO A 52 22.25 15.90 0.99
C PRO A 52 21.71 15.28 -0.31
N GLU A 53 22.36 15.56 -1.43
CA GLU A 53 21.98 14.94 -2.70
C GLU A 53 21.72 13.43 -2.60
N GLU A 54 22.65 12.72 -1.98
CA GLU A 54 22.54 11.29 -1.82
C GLU A 54 21.42 10.93 -0.82
N ARG A 55 21.24 11.74 0.21
CA ARG A 55 20.13 11.54 1.10
C ARG A 55 18.87 11.66 0.29
N TYR A 56 18.69 12.81 -0.35
CA TYR A 56 17.48 13.10 -1.11
C TYR A 56 17.13 11.90 -1.95
N GLN A 57 18.09 11.50 -2.78
CA GLN A 57 17.91 10.40 -3.75
C GLN A 57 17.49 9.08 -3.10
N LYS A 58 18.04 8.76 -1.94
CA LYS A 58 17.65 7.54 -1.24
C LYS A 58 16.19 7.61 -0.78
N LEU A 59 15.84 8.69 -0.09
CA LEU A 59 14.46 8.92 0.32
C LEU A 59 13.55 9.01 -0.90
N LYS A 60 14.07 9.51 -2.01
CA LYS A 60 13.24 9.52 -3.19
C LYS A 60 13.05 8.08 -3.69
N LYS A 61 14.11 7.30 -3.82
CA LYS A 61 13.97 5.94 -4.36
C LYS A 61 13.31 4.95 -3.38
N HIS A 62 13.11 5.34 -2.12
CA HIS A 62 12.77 4.35 -1.08
C HIS A 62 11.69 4.76 -0.08
N SER A 63 11.14 5.95 -0.23
CA SER A 63 10.08 6.37 0.66
C SER A 63 8.86 6.89 -0.07
N MET A 64 9.04 7.36 -1.30
CA MET A 64 7.93 8.06 -1.93
C MET A 64 6.83 7.16 -2.58
N ASP A 65 7.01 5.85 -2.53
CA ASP A 65 5.95 4.98 -3.03
C ASP A 65 4.89 4.81 -1.96
N PHE A 66 5.13 5.39 -0.78
CA PHE A 66 4.18 5.30 0.34
C PHE A 66 3.13 6.41 0.27
N LEU A 67 1.93 6.12 0.74
CA LEU A 67 0.82 7.05 0.64
C LEU A 67 0.64 7.90 1.89
N LEU A 68 0.64 9.20 1.68
CA LEU A 68 0.29 10.14 2.74
C LEU A 68 -1.21 10.10 2.77
N PHE A 69 -1.78 9.44 3.78
CA PHE A 69 -3.26 9.22 3.77
C PHE A 69 -4.04 9.94 4.89
N GLN A 70 -3.31 10.65 5.73
CA GLN A 70 -3.99 11.49 6.68
C GLN A 70 -3.14 12.70 6.90
N PHE A 71 -3.73 13.85 6.64
CA PHE A 71 -3.06 15.14 6.70
C PHE A 71 -3.60 16.01 7.83
N GLY A 72 -2.70 16.36 8.76
CA GLY A 72 -3.07 17.18 9.91
C GLY A 72 -2.83 18.64 9.60
N LEU A 73 -3.75 19.50 9.99
CA LEU A 73 -3.58 20.90 9.72
C LEU A 73 -4.13 21.67 10.87
N CYS A 74 -3.26 22.40 11.56
CA CYS A 74 -3.68 23.22 12.68
C CYS A 74 -3.27 24.68 12.50
N ALA A 75 -4.27 25.55 12.34
CA ALA A 75 -4.09 26.99 12.15
C ALA A 75 -4.08 27.74 13.51
N PHE A 76 -3.12 28.66 13.68
CA PHE A 76 -3.01 29.46 14.88
C PHE A 76 -3.14 30.93 14.57
N LYS A 77 -4.03 31.61 15.30
CA LYS A 77 -4.23 33.07 15.20
C LYS A 77 -4.10 33.74 16.59
N TYR A 78 -3.20 34.72 16.71
CA TYR A 78 -2.99 35.38 17.98
C TYR A 78 -3.96 36.52 18.16
N ASP A 79 -4.76 36.43 19.22
CA ASP A 79 -5.67 37.48 19.65
C ASP A 79 -4.95 38.43 20.62
N HIS A 80 -4.86 39.70 20.27
CA HIS A 80 -4.06 40.69 21.01
C HIS A 80 -4.71 41.15 22.31
N THR A 81 -6.03 40.99 22.44
CA THR A 81 -6.75 41.36 23.67
C THR A 81 -6.50 40.39 24.85
N ASP A 82 -6.88 39.12 24.69
CA ASP A 82 -6.74 38.11 25.77
C ASP A 82 -5.35 37.49 25.86
N SER A 83 -4.41 38.04 25.11
CA SER A 83 -3.02 37.56 25.02
C SER A 83 -2.93 36.05 24.75
N LYS A 84 -3.99 35.50 24.19
CA LYS A 84 -4.00 34.08 23.90
C LYS A 84 -3.97 33.80 22.39
N HIS A 85 -3.77 32.53 22.08
CA HIS A 85 -3.82 32.02 20.73
C HIS A 85 -5.11 31.27 20.56
N VAL A 86 -5.82 31.54 19.47
CA VAL A 86 -6.97 30.72 19.10
C VAL A 86 -6.50 29.69 18.09
N THR A 87 -7.01 28.47 18.21
CA THR A 87 -6.66 27.41 17.22
C THR A 87 -7.83 26.85 16.43
N LYS A 88 -7.51 26.24 15.30
CA LYS A 88 -8.43 25.42 14.54
C LYS A 88 -7.59 24.33 13.92
N SER A 89 -7.94 23.07 14.19
CA SER A 89 -7.27 21.93 13.56
C SER A 89 -8.17 20.96 12.78
N PHE A 90 -7.57 20.25 11.84
CA PHE A 90 -8.31 19.37 10.94
C PHE A 90 -7.59 18.08 10.67
N ASN A 91 -8.38 17.04 10.43
CA ASN A 91 -7.86 15.78 9.94
C ASN A 91 -8.42 15.47 8.57
N PHE A 92 -7.61 15.64 7.54
CA PHE A 92 -8.04 15.21 6.19
C PHE A 92 -7.60 13.81 5.88
N TYR A 93 -8.58 12.95 5.62
CA TYR A 93 -8.29 11.61 5.13
C TYR A 93 -8.19 11.65 3.61
N VAL A 94 -7.02 11.38 3.06
CA VAL A 94 -6.90 11.47 1.60
C VAL A 94 -6.68 10.10 0.94
N PHE A 95 -7.36 9.83 -0.16
CA PHE A 95 -7.23 8.55 -0.91
C PHE A 95 -7.44 8.71 -2.43
N PRO A 96 -6.44 8.29 -3.23
CA PRO A 96 -6.53 8.44 -4.66
C PRO A 96 -7.54 7.50 -5.31
N LYS A 97 -8.81 7.62 -4.95
CA LYS A 97 -9.86 6.91 -5.67
C LYS A 97 -9.79 7.36 -7.11
N PRO A 98 -9.65 6.42 -8.06
CA PRO A 98 -9.68 6.82 -9.47
C PRO A 98 -10.94 7.60 -9.88
N PHE A 99 -10.75 8.55 -10.79
CA PHE A 99 -11.79 9.45 -11.23
C PHE A 99 -12.69 8.75 -12.25
N SER A 100 -12.04 8.15 -13.25
CA SER A 100 -12.73 7.60 -14.38
C SER A 100 -12.22 6.19 -14.68
N ARG A 101 -12.56 5.67 -15.85
CA ARG A 101 -12.02 4.40 -16.29
C ARG A 101 -10.67 4.64 -16.99
N SER A 102 -10.42 5.88 -17.39
CA SER A 102 -9.17 6.18 -18.12
C SER A 102 -8.18 6.90 -17.22
N SER A 103 -8.70 7.46 -16.13
CA SER A 103 -7.93 8.16 -15.11
C SER A 103 -6.80 7.26 -14.52
N PRO A 104 -5.62 7.84 -14.21
CA PRO A 104 -4.58 6.92 -13.68
C PRO A 104 -4.99 6.19 -12.37
N ASP A 105 -4.64 4.91 -12.27
CA ASP A 105 -4.97 4.03 -11.11
C ASP A 105 -3.77 3.88 -10.18
N VAL A 106 -3.72 4.67 -9.10
CA VAL A 106 -2.52 4.72 -8.26
C VAL A 106 -2.20 3.43 -7.50
N LYS A 107 -0.91 3.03 -7.52
CA LYS A 107 -0.44 1.83 -6.81
C LYS A 107 0.48 2.31 -5.73
N PHE A 108 0.04 2.27 -4.49
CA PHE A 108 0.91 2.69 -3.38
C PHE A 108 1.44 1.51 -2.60
N VAL A 109 2.43 1.75 -1.78
CA VAL A 109 3.01 0.69 -0.99
C VAL A 109 2.64 0.84 0.48
N CYS A 110 2.45 -0.29 1.16
CA CYS A 110 2.31 -0.31 2.62
C CYS A 110 3.42 -1.05 3.35
N GLN A 111 3.91 -0.45 4.44
CA GLN A 111 4.85 -1.09 5.34
C GLN A 111 4.18 -1.66 6.61
N SER A 112 4.25 -2.98 6.77
CA SER A 112 3.47 -3.73 7.78
C SER A 112 3.56 -3.13 9.16
N SER A 113 4.79 -2.79 9.58
CA SER A 113 4.99 -2.22 10.90
C SER A 113 4.26 -0.90 11.02
N SER A 114 4.54 0.04 10.11
CA SER A 114 3.84 1.34 10.12
C SER A 114 2.32 1.13 10.19
N ILE A 115 1.78 0.27 9.33
CA ILE A 115 0.37 -0.08 9.44
C ILE A 115 0.06 -0.57 10.85
N ASP A 116 0.75 -1.60 11.30
CA ASP A 116 0.50 -2.16 12.61
C ASP A 116 0.64 -1.12 13.68
N PHE A 117 1.60 -0.21 13.53
CA PHE A 117 1.71 0.90 14.49
C PHE A 117 0.44 1.72 14.56
N LEU A 118 0.04 2.26 13.42
CA LEU A 118 -1.21 3.05 13.32
C LEU A 118 -2.41 2.26 13.88
N ALA A 119 -2.40 0.96 13.69
CA ALA A 119 -3.43 0.14 14.26
C ALA A 119 -3.44 0.35 15.78
N SER A 120 -2.29 0.16 16.42
CA SER A 120 -2.11 0.34 17.86
C SER A 120 -2.54 1.72 18.37
N GLN A 121 -2.84 2.65 17.46
CA GLN A 121 -3.16 4.03 17.82
C GLN A 121 -4.62 4.42 17.61
N GLY A 122 -5.47 3.43 17.38
CA GLY A 122 -6.87 3.71 17.11
C GLY A 122 -7.19 4.23 15.71
N PHE A 123 -6.23 4.25 14.80
CA PHE A 123 -6.48 4.75 13.46
C PHE A 123 -7.61 3.95 12.82
N ASP A 124 -8.37 4.59 11.93
CA ASP A 124 -9.54 3.99 11.32
C ASP A 124 -9.33 3.92 9.85
N PHE A 125 -8.87 2.77 9.34
CA PHE A 125 -8.45 2.69 7.94
C PHE A 125 -9.62 2.83 6.97
N ASN A 126 -10.80 2.43 7.42
CA ASN A 126 -12.00 2.61 6.63
C ASN A 126 -12.17 4.05 6.19
N LYS A 127 -11.85 4.99 7.10
CA LYS A 127 -11.97 6.40 6.77
C LYS A 127 -11.02 6.74 5.63
N VAL A 128 -9.88 6.05 5.55
CA VAL A 128 -8.95 6.33 4.47
C VAL A 128 -9.36 5.65 3.20
N PHE A 129 -9.65 4.34 3.24
CA PHE A 129 -9.98 3.58 1.99
C PHE A 129 -11.44 3.63 1.51
N CYS A 130 -12.38 3.89 2.41
CA CYS A 130 -13.76 3.98 2.00
C CYS A 130 -14.17 5.41 1.80
N SER A 131 -13.58 6.31 2.57
CA SER A 131 -14.10 7.64 2.69
C SER A 131 -13.04 8.69 2.46
N GLY A 132 -11.90 8.27 1.93
CA GLY A 132 -10.79 9.21 1.73
C GLY A 132 -11.13 10.20 0.63
N ILE A 133 -10.63 11.42 0.75
CA ILE A 133 -10.85 12.42 -0.28
C ILE A 133 -9.90 12.23 -1.49
N PRO A 134 -10.46 12.34 -2.70
CA PRO A 134 -9.60 12.26 -3.88
C PRO A 134 -8.72 13.50 -4.01
N TYR A 135 -7.91 13.54 -5.07
CA TYR A 135 -6.99 14.62 -5.33
C TYR A 135 -6.31 14.42 -6.68
N LEU A 136 -5.74 15.49 -7.20
CA LEU A 136 -4.95 15.44 -8.43
C LEU A 136 -3.74 16.36 -8.31
N ASN A 137 -2.64 15.99 -8.96
CA ASN A 137 -1.43 16.86 -8.95
C ASN A 137 -1.50 17.91 -10.05
N GLN A 138 -0.46 18.72 -10.20
CA GLN A 138 -0.39 19.73 -11.25
C GLN A 138 -0.76 19.25 -12.68
N GLU A 139 -0.05 18.23 -13.16
CA GLU A 139 -0.31 17.66 -14.46
C GLU A 139 -1.72 17.10 -14.64
N GLU A 140 -2.06 16.08 -13.85
CA GLU A 140 -3.37 15.45 -13.89
C GLU A 140 -4.50 16.47 -14.07
N GLU A 141 -4.42 17.56 -13.30
CA GLU A 141 -5.35 18.67 -13.40
C GLU A 141 -5.27 19.42 -14.73
N ARG A 142 -4.13 20.01 -15.06
CA ARG A 142 -4.05 20.80 -16.27
C ARG A 142 -4.26 20.00 -17.54
N GLN A 143 -3.57 18.88 -17.66
CA GLN A 143 -3.86 17.98 -18.75
C GLN A 143 -5.39 17.89 -18.87
N LEU A 144 -6.08 17.70 -17.75
CA LEU A 144 -7.54 17.59 -17.77
C LEU A 144 -8.28 18.92 -17.90
N ARG A 145 -7.56 20.03 -17.72
CA ARG A 145 -8.14 21.35 -17.96
C ARG A 145 -7.86 21.78 -19.41
N GLU A 146 -7.76 20.77 -20.27
CA GLU A 146 -7.54 20.95 -21.68
C GLU A 146 -8.49 19.94 -22.31
N GLN A 147 -8.44 18.70 -21.84
CA GLN A 147 -9.41 17.69 -22.26
C GLN A 147 -10.77 18.30 -22.12
N PHE A 148 -11.20 18.51 -20.88
CA PHE A 148 -12.40 19.25 -20.60
C PHE A 148 -12.20 20.70 -21.08
N ASP A 149 -12.30 20.89 -22.40
CA ASP A 149 -11.98 22.17 -23.07
C ASP A 149 -12.36 22.23 -24.57
N GLU A 150 -13.22 23.20 -24.89
CA GLU A 150 -13.96 23.33 -26.18
C GLU A 150 -14.65 22.07 -26.70
N TYR A 252 -25.46 22.48 -19.11
CA TYR A 252 -24.42 23.33 -19.65
C TYR A 252 -23.26 23.56 -18.65
N THR A 253 -23.62 23.83 -17.39
CA THR A 253 -22.69 24.27 -16.35
C THR A 253 -21.95 23.12 -15.65
N LYS A 254 -22.34 21.90 -15.99
CA LYS A 254 -22.06 20.73 -15.18
C LYS A 254 -20.58 20.44 -14.88
N GLU A 255 -19.90 19.75 -15.80
CA GLU A 255 -18.64 19.08 -15.47
C GLU A 255 -17.52 19.96 -14.91
N GLN A 256 -17.59 21.25 -15.24
CA GLN A 256 -16.71 22.29 -14.70
C GLN A 256 -16.59 22.16 -13.18
N GLU A 257 -17.64 21.58 -12.59
CA GLU A 257 -17.73 21.42 -11.15
C GLU A 257 -17.40 19.98 -10.72
N GLU A 258 -17.08 19.15 -11.71
CA GLU A 258 -16.56 17.81 -11.45
C GLU A 258 -15.04 17.86 -11.56
N LEU A 259 -14.56 18.95 -12.15
CA LEU A 259 -13.15 19.30 -12.17
C LEU A 259 -12.70 19.68 -10.76
N ASN A 260 -13.48 20.52 -10.10
CA ASN A 260 -13.21 20.91 -8.70
C ASN A 260 -13.36 19.78 -7.70
N ASP A 261 -13.90 18.66 -8.14
CA ASP A 261 -14.09 17.50 -7.29
C ASP A 261 -12.92 16.56 -7.40
N ALA A 262 -12.32 16.56 -8.58
CA ALA A 262 -11.25 15.63 -8.93
C ALA A 262 -9.96 16.10 -8.31
N VAL A 263 -9.73 17.41 -8.34
CA VAL A 263 -8.53 17.93 -7.73
C VAL A 263 -8.75 17.87 -6.23
N GLY A 264 -10.01 17.99 -5.79
CA GLY A 264 -10.40 17.67 -4.42
C GLY A 264 -9.39 18.14 -3.40
N PHE A 265 -8.71 17.23 -2.70
CA PHE A 265 -7.87 17.68 -1.58
C PHE A 265 -6.72 18.65 -1.96
N SER A 266 -6.19 18.53 -3.18
CA SER A 266 -5.14 19.41 -3.68
C SER A 266 -5.47 20.88 -3.51
N ARG A 267 -6.77 21.22 -3.53
CA ARG A 267 -7.27 22.58 -3.26
C ARG A 267 -6.83 23.12 -1.92
N VAL A 268 -6.85 22.28 -0.89
CA VAL A 268 -6.38 22.72 0.41
C VAL A 268 -4.87 23.00 0.38
N ILE A 269 -4.09 22.18 -0.34
CA ILE A 269 -2.68 22.47 -0.57
C ILE A 269 -2.47 23.80 -1.30
N HIS A 270 -3.22 24.00 -2.40
CA HIS A 270 -3.21 25.25 -3.14
C HIS A 270 -3.32 26.40 -2.16
N ALA A 271 -4.31 26.27 -1.26
CA ALA A 271 -4.59 27.32 -0.29
C ALA A 271 -3.36 27.56 0.54
N ILE A 272 -2.74 26.52 1.10
CA ILE A 272 -1.58 26.76 1.95
C ILE A 272 -0.44 27.42 1.16
N ALA A 273 -0.10 26.80 0.03
CA ALA A 273 0.91 27.33 -0.89
C ALA A 273 0.76 28.81 -1.22
N ASN A 274 -0.47 29.27 -1.41
CA ASN A 274 -0.72 30.67 -1.82
C ASN A 274 -0.84 31.70 -0.68
N SER A 275 -1.24 31.28 0.51
CA SER A 275 -1.38 32.17 1.64
C SER A 275 -0.05 32.85 1.93
N GLY A 276 1.03 32.28 1.43
CA GLY A 276 2.33 32.82 1.80
C GLY A 276 2.61 32.94 3.31
N LYS A 277 1.79 32.29 4.16
CA LYS A 277 2.06 32.22 5.61
C LYS A 277 3.01 31.07 5.99
N LEU A 278 3.51 31.12 7.22
CA LEU A 278 4.49 30.21 7.75
C LEU A 278 3.87 28.86 8.07
N VAL A 279 4.55 27.79 7.63
CA VAL A 279 4.11 26.43 7.84
C VAL A 279 5.17 25.76 8.67
N VAL A 280 4.76 25.29 9.83
CA VAL A 280 5.63 24.64 10.80
C VAL A 280 5.39 23.12 10.79
N GLY A 281 6.47 22.33 10.79
CA GLY A 281 6.33 20.88 10.95
C GLY A 281 7.34 20.42 11.99
N HIS A 282 7.30 19.14 12.36
CA HIS A 282 8.30 18.58 13.24
C HIS A 282 9.04 17.42 12.61
N ASN A 283 10.33 17.62 12.31
CA ASN A 283 11.14 16.63 11.58
C ASN A 283 10.45 16.28 10.26
N MET A 284 10.15 17.32 9.48
CA MET A 284 9.17 17.24 8.38
C MET A 284 9.69 16.98 6.97
N LEU A 285 10.98 16.66 6.79
CA LEU A 285 11.52 16.37 5.45
C LEU A 285 10.65 15.38 4.67
N LEU A 286 10.21 14.29 5.32
CA LEU A 286 9.25 13.38 4.67
C LEU A 286 7.86 14.00 4.40
N ASP A 287 7.30 14.70 5.38
CA ASP A 287 5.99 15.32 5.18
C ASP A 287 6.05 16.19 3.96
N VAL A 288 7.12 16.99 3.84
CA VAL A 288 7.27 17.87 2.68
C VAL A 288 7.43 17.07 1.39
N MET A 289 8.36 16.12 1.39
CA MET A 289 8.57 15.27 0.24
C MET A 289 7.27 14.71 -0.32
N HIS A 290 6.59 13.86 0.46
CA HIS A 290 5.29 13.28 0.06
C HIS A 290 4.29 14.30 -0.47
N THR A 291 4.15 15.39 0.29
CA THR A 291 3.15 16.39 -0.03
C THR A 291 3.35 16.92 -1.44
N ILE A 292 4.59 17.17 -1.86
CA ILE A 292 4.71 17.66 -3.22
C ILE A 292 4.58 16.51 -4.24
N HIS A 293 5.15 15.36 -3.88
CA HIS A 293 5.04 14.12 -4.69
C HIS A 293 3.59 13.80 -5.04
N GLN A 294 2.76 13.71 -4.01
CA GLN A 294 1.36 13.39 -4.16
C GLN A 294 0.49 14.52 -4.76
N PHE A 295 0.79 15.78 -4.44
CA PHE A 295 -0.11 16.89 -4.80
C PHE A 295 0.41 17.92 -5.82
N TYR A 296 1.71 17.93 -6.11
CA TYR A 296 2.26 18.80 -7.14
C TYR A 296 2.83 18.08 -8.34
N CYS A 297 3.84 17.25 -8.12
CA CYS A 297 4.30 16.34 -9.17
C CYS A 297 5.48 15.50 -8.72
N PRO A 298 5.74 14.40 -9.44
CA PRO A 298 6.89 13.53 -9.25
C PRO A 298 8.12 14.29 -8.74
N LEU A 299 8.80 13.82 -7.70
CA LEU A 299 9.98 14.55 -7.26
C LEU A 299 11.10 14.56 -8.32
N PRO A 300 11.69 15.72 -8.59
CA PRO A 300 12.65 15.84 -9.69
C PRO A 300 13.97 15.11 -9.46
N ALA A 301 14.78 14.98 -10.51
CA ALA A 301 15.98 14.16 -10.42
C ALA A 301 17.01 14.69 -9.42
N ASP A 302 17.01 16.01 -9.21
CA ASP A 302 18.08 16.67 -8.49
C ASP A 302 17.56 17.36 -7.25
N LEU A 303 18.39 17.40 -6.22
CA LEU A 303 18.04 18.09 -4.99
C LEU A 303 17.82 19.60 -5.22
N ASN A 304 18.71 20.22 -6.01
CA ASN A 304 18.60 21.65 -6.37
C ASN A 304 17.23 21.90 -6.94
N GLU A 305 16.89 21.11 -7.95
CA GLU A 305 15.56 21.10 -8.53
C GLU A 305 14.42 21.01 -7.51
N PHE A 306 14.63 20.28 -6.41
CA PHE A 306 13.56 20.06 -5.43
C PHE A 306 13.45 21.19 -4.43
N LYS A 307 14.59 21.79 -4.08
CA LYS A 307 14.60 22.92 -3.17
C LYS A 307 13.77 24.05 -3.78
N GLU A 308 14.01 24.36 -5.05
CA GLU A 308 13.13 25.25 -5.83
C GLU A 308 11.67 24.88 -5.65
N MET A 309 11.33 23.67 -6.08
CA MET A 309 9.96 23.14 -6.02
C MET A 309 9.37 23.28 -4.64
N ALA A 310 10.18 23.05 -3.60
CA ALA A 310 9.68 23.09 -2.23
C ALA A 310 9.19 24.46 -1.80
N ILE A 311 9.98 25.48 -2.08
CA ILE A 311 9.63 26.81 -1.64
C ILE A 311 8.61 27.51 -2.54
N CYS A 312 8.01 26.80 -3.50
CA CYS A 312 6.88 27.42 -4.21
C CYS A 312 5.62 26.89 -3.64
N VAL A 313 5.66 25.68 -3.12
CA VAL A 313 4.49 25.18 -2.45
C VAL A 313 4.48 25.86 -1.11
N PHE A 314 5.58 25.79 -0.37
CA PHE A 314 5.65 26.53 0.88
C PHE A 314 6.78 27.54 0.87
N PRO A 315 6.44 28.82 0.94
CA PRO A 315 7.34 29.98 0.98
C PRO A 315 8.08 30.08 2.32
N ARG A 316 7.45 29.57 3.38
CA ARG A 316 8.06 29.65 4.68
C ARG A 316 7.79 28.40 5.47
N LEU A 317 8.89 27.74 5.78
CA LEU A 317 8.89 26.50 6.48
C LEU A 317 9.73 26.67 7.72
N LEU A 318 9.28 26.06 8.81
CA LEU A 318 10.04 26.04 10.03
C LEU A 318 9.87 24.69 10.69
N ASP A 319 11.00 24.01 10.93
CA ASP A 319 10.98 22.70 11.48
C ASP A 319 11.23 22.81 13.00
N THR A 320 10.24 22.44 13.82
CA THR A 320 10.38 22.58 15.27
C THR A 320 11.54 21.78 15.82
N LYS A 321 11.71 20.56 15.31
CA LYS A 321 12.78 19.69 15.75
C LYS A 321 14.16 20.34 15.52
N LEU A 322 14.31 21.18 14.50
CA LEU A 322 15.60 21.83 14.31
C LEU A 322 15.76 22.92 15.35
N MET A 323 14.66 23.61 15.63
CA MET A 323 14.64 24.73 16.54
C MET A 323 15.11 24.22 17.88
N ALA A 324 14.42 23.20 18.37
CA ALA A 324 14.73 22.50 19.62
C ALA A 324 16.16 21.99 19.67
N SER A 325 16.81 21.91 18.53
CA SER A 325 18.15 21.37 18.52
C SER A 325 19.19 22.44 18.20
N THR A 326 18.90 23.68 18.55
CA THR A 326 19.92 24.73 18.44
C THR A 326 19.94 25.69 19.65
N GLN A 327 21.06 26.36 19.84
CA GLN A 327 21.20 27.34 20.91
C GLN A 327 20.09 28.36 20.74
N PRO A 328 19.44 28.75 21.85
CA PRO A 328 19.80 28.37 23.21
C PRO A 328 19.19 27.04 23.63
N PHE A 329 18.30 26.50 22.82
CA PHE A 329 17.56 25.26 23.15
C PHE A 329 18.46 24.02 23.31
N LYS A 330 19.52 23.97 22.50
CA LYS A 330 20.52 22.92 22.52
C LYS A 330 21.00 22.53 23.91
N ASP A 331 21.13 23.51 24.79
CA ASP A 331 21.69 23.28 26.13
C ASP A 331 20.61 22.94 27.17
N ILE A 332 19.39 23.43 26.96
CA ILE A 332 18.29 23.19 27.90
C ILE A 332 17.45 21.92 27.59
N ILE A 333 17.55 21.42 26.36
CA ILE A 333 16.74 20.27 25.91
C ILE A 333 17.65 19.13 25.48
N ASN A 334 17.34 17.92 25.94
CA ASN A 334 18.16 16.77 25.54
C ASN A 334 17.50 15.65 24.71
N ASN A 335 16.18 15.69 24.61
CA ASN A 335 15.49 14.82 23.68
C ASN A 335 14.49 15.60 22.85
N THR A 336 14.55 15.42 21.53
CA THR A 336 13.71 16.23 20.63
C THR A 336 12.64 15.45 19.89
N SER A 337 12.25 14.30 20.42
CA SER A 337 11.00 13.61 20.04
C SER A 337 9.90 14.60 20.26
N LEU A 338 8.93 14.61 19.36
CA LEU A 338 7.81 15.50 19.56
C LEU A 338 7.17 15.31 20.94
N ALA A 339 6.87 14.06 21.30
CA ALA A 339 6.30 13.76 22.63
C ALA A 339 7.11 14.31 23.82
N GLU A 340 8.43 14.07 23.79
CA GLU A 340 9.31 14.56 24.84
C GLU A 340 9.51 16.08 24.79
N LEU A 341 9.58 16.62 23.59
CA LEU A 341 9.69 18.04 23.41
C LEU A 341 8.49 18.78 24.02
N GLU A 342 7.30 18.23 23.86
CA GLU A 342 6.10 18.85 24.40
C GLU A 342 6.19 18.97 25.91
N LYS A 343 6.78 17.95 26.54
CA LYS A 343 6.94 17.92 28.00
C LYS A 343 7.91 18.99 28.49
N ARG A 344 9.08 19.03 27.86
CA ARG A 344 10.18 19.87 28.29
C ARG A 344 9.87 21.37 28.19
N LEU A 345 9.04 21.71 27.20
CA LEU A 345 8.68 23.10 26.95
C LEU A 345 7.52 23.57 27.83
N LYS A 346 7.10 22.71 28.75
CA LYS A 346 6.06 23.07 29.69
C LYS A 346 6.70 23.57 31.00
N GLU A 347 7.92 23.12 31.27
CA GLU A 347 8.64 23.49 32.49
C GLU A 347 9.57 24.67 32.26
N THR A 348 10.02 25.29 33.36
CA THR A 348 10.98 26.38 33.26
C THR A 348 12.21 25.93 32.45
N PRO A 349 12.92 26.87 31.81
CA PRO A 349 12.70 28.32 31.75
C PRO A 349 11.70 28.68 30.66
N PHE A 350 10.79 27.74 30.37
CA PHE A 350 9.73 28.00 29.43
C PHE A 350 8.43 28.21 30.18
N ASP A 351 7.35 28.32 29.43
CA ASP A 351 6.07 28.77 29.91
C ASP A 351 5.10 28.40 28.77
N PRO A 352 4.12 27.50 29.02
CA PRO A 352 3.30 27.05 27.88
C PRO A 352 2.17 28.05 27.58
N PRO A 353 2.07 28.53 26.34
CA PRO A 353 1.05 29.54 26.01
C PRO A 353 -0.36 29.00 26.20
N LYS A 354 -1.27 29.90 26.56
CA LYS A 354 -2.67 29.50 26.67
C LYS A 354 -3.22 29.39 25.27
N VAL A 355 -3.75 28.23 24.99
CA VAL A 355 -4.33 27.97 23.71
C VAL A 355 -5.80 27.67 23.92
N GLU A 356 -6.62 28.33 23.12
CA GLU A 356 -8.05 28.11 23.16
C GLU A 356 -8.51 27.55 21.83
N SER A 357 -9.42 26.58 21.90
CA SER A 357 -10.12 26.11 20.70
C SER A 357 -11.15 27.16 20.29
N ALA A 358 -11.10 27.58 19.02
CA ALA A 358 -12.13 28.47 18.48
C ALA A 358 -13.49 27.85 18.72
N GLU A 359 -14.51 28.69 18.93
CA GLU A 359 -15.84 28.20 19.24
C GLU A 359 -16.31 27.33 18.09
N GLY A 360 -16.87 26.17 18.42
CA GLY A 360 -17.43 25.26 17.41
C GLY A 360 -16.50 24.22 16.82
N PHE A 361 -15.24 24.20 17.26
CA PHE A 361 -14.33 23.15 16.87
C PHE A 361 -14.15 22.19 18.06
N PRO A 362 -13.80 20.92 17.80
CA PRO A 362 -13.47 20.09 18.96
C PRO A 362 -12.05 20.36 19.47
N SER A 363 -11.91 20.42 20.80
CA SER A 363 -10.60 20.54 21.49
C SER A 363 -10.05 19.17 21.88
N TYR A 364 -8.94 19.11 22.59
CA TYR A 364 -8.33 17.79 22.81
C TYR A 364 -8.58 17.08 24.16
N ASP A 365 -8.06 17.64 25.25
CA ASP A 365 -8.24 17.10 26.61
C ASP A 365 -7.61 15.73 26.85
N GLN A 370 -3.18 11.34 24.88
CA GLN A 370 -3.92 10.30 24.16
C GLN A 370 -3.46 10.16 22.68
N LEU A 371 -4.19 9.36 21.91
CA LEU A 371 -3.67 8.72 20.69
C LEU A 371 -3.23 9.66 19.58
N HIS A 372 -2.19 9.21 18.85
CA HIS A 372 -1.56 9.97 17.76
C HIS A 372 -2.35 10.02 16.46
N GLU A 373 -2.71 11.22 16.05
CA GLU A 373 -3.15 11.48 14.68
C GLU A 373 -2.36 12.68 14.13
N ALA A 374 -2.50 12.91 12.83
CA ALA A 374 -1.80 14.00 12.15
C ALA A 374 -2.20 15.37 12.70
N GLY A 375 -3.52 15.57 12.86
CA GLY A 375 -4.10 16.77 13.49
C GLY A 375 -3.50 17.08 14.85
N TYR A 376 -3.86 16.28 15.85
CA TYR A 376 -3.23 16.35 17.17
C TYR A 376 -1.75 16.73 17.17
N ASP A 377 -0.99 16.06 16.34
CA ASP A 377 0.44 16.25 16.28
C ASP A 377 0.83 17.61 15.73
N ALA A 378 0.05 18.10 14.76
CA ALA A 378 0.27 19.47 14.29
C ALA A 378 -0.01 20.43 15.45
N TYR A 379 -1.22 20.34 16.01
CA TYR A 379 -1.59 21.10 17.18
C TYR A 379 -0.51 21.14 18.25
N ILE A 380 0.10 19.98 18.54
CA ILE A 380 1.23 19.92 19.46
C ILE A 380 2.44 20.64 18.84
N THR A 381 2.83 20.26 17.63
CA THR A 381 4.00 20.89 16.99
C THR A 381 3.92 22.42 17.08
N GLY A 382 2.74 22.96 16.79
CA GLY A 382 2.55 24.41 16.77
C GLY A 382 2.79 24.99 18.13
N LEU A 383 2.25 24.33 19.16
CA LEU A 383 2.43 24.76 20.57
C LEU A 383 3.88 24.80 20.94
N CYS A 384 4.63 23.80 20.50
CA CYS A 384 6.06 23.75 20.70
C CYS A 384 6.70 25.01 20.12
N PHE A 385 6.36 25.32 18.86
CA PHE A 385 6.90 26.45 18.18
C PHE A 385 6.67 27.72 18.98
N ILE A 386 5.46 27.89 19.50
CA ILE A 386 5.13 29.12 20.24
C ILE A 386 5.96 29.20 21.50
N SER A 387 6.05 28.11 22.24
CA SER A 387 6.79 28.10 23.46
C SER A 387 8.25 28.51 23.20
N MET A 388 8.84 27.97 22.16
CA MET A 388 10.22 28.28 21.80
C MET A 388 10.37 29.70 21.23
N ALA A 389 9.33 30.24 20.62
CA ALA A 389 9.41 31.61 20.17
C ALA A 389 9.42 32.55 21.37
N ASN A 390 8.43 32.38 22.25
CA ASN A 390 8.32 33.18 23.46
C ASN A 390 9.58 33.21 24.28
N TYR A 391 10.14 32.04 24.55
CA TYR A 391 11.41 31.98 25.22
C TYR A 391 12.46 32.83 24.52
N LEU A 392 12.60 32.66 23.21
CA LEU A 392 13.60 33.41 22.46
C LEU A 392 13.57 34.91 22.75
N GLY A 393 12.38 35.47 22.96
CA GLY A 393 12.23 36.85 23.36
C GLY A 393 12.34 37.00 24.88
N SER A 394 13.58 36.99 25.39
CA SER A 394 13.85 37.18 26.82
C SER A 394 15.16 37.91 26.99
N SER A 404 6.54 37.11 19.86
CA SER A 404 6.07 37.45 18.51
C SER A 404 6.02 36.19 17.65
N ALA A 405 5.42 36.26 16.43
CA ALA A 405 5.17 35.07 15.54
C ALA A 405 5.33 35.30 14.02
N ARG A 406 6.17 36.26 13.69
CA ARG A 406 6.38 36.81 12.35
C ARG A 406 7.77 37.43 12.43
N SER A 407 8.23 37.47 13.68
CA SER A 407 9.47 38.10 14.16
C SER A 407 10.73 37.95 13.29
N LYS A 408 11.79 38.63 13.71
CA LYS A 408 13.10 38.51 13.08
C LYS A 408 13.96 37.51 13.84
N LEU A 409 13.61 37.27 15.10
CA LEU A 409 14.34 36.36 15.99
C LEU A 409 14.32 34.97 15.42
N ILE A 410 13.23 34.63 14.72
CA ILE A 410 12.98 33.26 14.26
C ILE A 410 13.44 33.05 12.82
N GLU A 411 13.60 34.15 12.09
CA GLU A 411 14.09 34.16 10.71
C GLU A 411 15.17 33.11 10.38
N PRO A 412 16.30 33.11 11.12
CA PRO A 412 17.34 32.15 10.71
C PRO A 412 16.86 30.69 10.58
N PHE A 413 15.67 30.38 11.09
CA PHE A 413 15.16 29.03 11.05
C PHE A 413 14.33 28.72 9.81
N PHE A 414 14.09 29.74 9.00
CA PHE A 414 13.19 29.62 7.84
C PHE A 414 13.81 28.79 6.74
N ASN A 415 13.00 27.86 6.25
CA ASN A 415 13.36 26.98 5.13
C ASN A 415 14.73 26.29 5.28
N LYS A 416 14.93 25.80 6.49
CA LYS A 416 16.02 24.91 6.82
C LYS A 416 15.26 23.69 7.36
N LEU A 417 15.34 22.59 6.64
CA LEU A 417 14.68 21.36 7.08
C LEU A 417 15.61 20.44 7.87
N PHE A 418 15.03 19.72 8.81
CA PHE A 418 15.82 18.87 9.69
C PHE A 418 16.52 17.73 8.96
N LEU A 419 17.64 17.25 9.49
CA LEU A 419 18.30 16.10 8.89
C LEU A 419 18.49 14.94 9.89
N MET A 420 18.25 13.70 9.46
CA MET A 420 18.49 12.55 10.35
C MET A 420 19.81 11.80 10.08
N ARG A 421 20.38 11.19 11.12
CA ARG A 421 21.42 10.20 10.91
C ARG A 421 22.47 10.67 9.93
N VAL A 422 23.08 11.82 10.17
CA VAL A 422 23.99 12.39 9.18
C VAL A 422 25.22 13.09 9.80
N MET A 423 26.35 13.09 9.09
CA MET A 423 27.65 13.45 9.68
C MET A 423 27.71 14.89 10.13
N ASP A 424 28.03 15.80 9.22
CA ASP A 424 28.13 17.19 9.67
C ASP A 424 27.14 18.21 9.10
N ILE A 425 26.07 17.74 8.46
CA ILE A 425 25.02 18.64 8.02
C ILE A 425 24.08 18.94 9.19
N PRO A 426 24.00 20.21 9.61
CA PRO A 426 23.05 20.66 10.64
C PRO A 426 21.58 20.75 10.19
N TYR A 427 21.35 21.00 8.90
CA TYR A 427 20.01 21.17 8.37
C TYR A 427 20.06 21.13 6.87
N LEU A 428 18.93 20.85 6.26
CA LEU A 428 18.83 20.88 4.82
C LEU A 428 18.53 22.31 4.49
N ASN A 429 19.34 22.94 3.64
CA ASN A 429 18.92 24.25 3.18
C ASN A 429 18.02 24.18 1.97
N LEU A 430 16.90 24.87 2.04
CA LEU A 430 15.97 24.88 0.96
C LEU A 430 16.26 26.04 0.02
N GLU A 431 16.86 27.09 0.55
CA GLU A 431 17.33 28.17 -0.33
C GLU A 431 18.62 27.75 -1.02
N GLY A 432 19.25 26.67 -0.55
CA GLY A 432 20.44 26.05 -1.17
C GLY A 432 21.61 27.00 -1.25
N PRO A 433 22.84 26.50 -1.45
CA PRO A 433 23.24 25.11 -1.31
C PRO A 433 23.78 24.91 0.10
N ASP A 434 24.18 23.69 0.39
CA ASP A 434 24.42 23.30 1.76
C ASP A 434 25.88 23.38 2.06
N LEU A 435 26.16 23.85 3.26
CA LEU A 435 27.49 23.84 3.83
C LEU A 435 28.14 22.46 3.76
N GLN A 436 29.42 22.47 3.38
CA GLN A 436 30.31 21.32 3.48
C GLN A 436 30.37 20.71 4.88
N PRO A 437 30.54 19.39 4.97
CA PRO A 437 30.66 18.70 6.26
C PRO A 437 31.82 19.17 7.16
N LYS A 438 33.04 19.21 6.62
CA LYS A 438 34.26 19.38 7.45
C LYS A 438 34.41 18.10 8.25
N ARG A 439 34.71 17.07 7.51
CA ARG A 439 34.72 15.69 7.96
C ARG A 439 35.69 15.45 9.14
N ASP A 440 36.91 15.99 9.01
CA ASP A 440 37.95 15.87 10.04
C ASP A 440 37.50 16.42 11.40
N HIS A 441 36.19 16.48 11.63
CA HIS A 441 35.64 16.94 12.89
C HIS A 441 34.74 15.89 13.52
N VAL A 442 34.45 14.85 12.75
CA VAL A 442 33.42 13.89 13.14
C VAL A 442 34.02 12.57 13.65
N LEU A 443 33.18 11.77 14.31
CA LEU A 443 33.54 10.44 14.81
C LEU A 443 32.29 9.68 15.16
N HIS A 444 32.36 8.36 15.06
CA HIS A 444 31.18 7.53 15.18
C HIS A 444 31.29 6.71 16.46
N VAL A 445 30.24 6.73 17.26
CA VAL A 445 30.32 6.03 18.54
C VAL A 445 29.22 4.99 18.68
N THR A 446 29.54 3.94 19.42
CA THR A 446 28.65 2.82 19.65
C THR A 446 28.72 2.59 21.13
N PHE A 447 27.58 2.34 21.77
CA PHE A 447 27.49 2.35 23.25
C PHE A 447 26.29 1.57 23.79
N PRO A 448 26.28 1.26 25.12
CA PRO A 448 25.09 0.62 25.64
C PRO A 448 23.86 1.43 25.31
N LYS A 449 22.82 0.71 24.88
CA LYS A 449 21.52 1.31 24.63
C LYS A 449 21.06 2.13 25.86
N GLU A 450 21.67 1.92 27.02
CA GLU A 450 21.16 2.56 28.22
C GLU A 450 21.61 4.00 28.31
N TRP A 451 22.43 4.43 27.37
CA TRP A 451 22.85 5.84 27.30
C TRP A 451 21.71 6.79 26.93
N LYS A 452 21.69 7.94 27.58
CA LYS A 452 20.80 9.02 27.24
C LYS A 452 21.69 10.19 26.88
N THR A 453 21.17 11.18 26.17
CA THR A 453 22.01 12.22 25.59
C THR A 453 23.06 12.81 26.55
N SER A 454 22.65 13.09 27.79
CA SER A 454 23.56 13.66 28.79
C SER A 454 24.89 12.89 28.92
N ASP A 455 24.83 11.58 28.74
CA ASP A 455 26.02 10.73 28.72
C ASP A 455 27.01 11.09 27.62
N LEU A 456 26.50 11.34 26.42
CA LEU A 456 27.37 11.67 25.31
C LEU A 456 28.09 12.99 25.55
N TYR A 457 27.39 13.96 26.12
CA TYR A 457 27.96 15.28 26.37
C TYR A 457 29.02 15.17 27.45
N GLN A 458 28.60 14.73 28.63
CA GLN A 458 29.49 14.57 29.77
C GLN A 458 30.77 13.87 29.35
N LEU A 459 30.63 12.83 28.52
CA LEU A 459 31.77 12.10 27.97
C LEU A 459 32.79 13.01 27.29
N PHE A 460 32.39 13.59 26.17
CA PHE A 460 33.25 14.48 25.40
C PHE A 460 33.35 15.89 25.98
N SER A 461 33.03 16.05 27.26
CA SER A 461 32.97 17.38 27.90
C SER A 461 34.33 18.06 27.98
N ALA A 462 35.39 17.28 27.80
CA ALA A 462 36.77 17.77 27.84
C ALA A 462 37.08 18.80 26.78
N PHE A 463 36.40 18.66 25.65
CA PHE A 463 36.64 19.44 24.44
C PHE A 463 35.64 20.58 24.26
N GLY A 464 34.66 20.68 25.16
CA GLY A 464 33.65 21.76 25.10
C GLY A 464 32.52 21.43 24.18
N ASN A 465 31.64 22.40 23.88
CA ASN A 465 30.40 22.13 23.10
C ASN A 465 30.59 21.17 21.95
N ILE A 466 29.62 20.28 21.80
CA ILE A 466 29.64 19.36 20.66
C ILE A 466 28.28 19.29 19.99
N GLN A 467 28.25 18.75 18.78
CA GLN A 467 27.01 18.53 18.02
C GLN A 467 26.75 17.02 17.89
N ILE A 468 25.55 16.58 18.28
CA ILE A 468 25.19 15.15 18.22
C ILE A 468 24.24 14.86 17.03
N SER A 469 24.22 13.61 16.57
CA SER A 469 23.28 13.13 15.56
C SER A 469 23.00 11.60 15.71
N TRP A 470 22.01 11.25 16.53
CA TRP A 470 21.61 9.87 16.72
C TRP A 470 21.54 9.08 15.41
N ILE A 471 22.26 7.97 15.34
CA ILE A 471 22.20 7.06 14.19
C ILE A 471 21.28 5.92 14.56
N ASP A 472 21.50 5.36 15.72
CA ASP A 472 20.79 4.15 16.06
C ASP A 472 19.98 4.37 17.32
N ASP A 473 19.92 3.30 18.08
CA ASP A 473 19.44 3.32 19.42
C ASP A 473 20.72 3.13 20.22
N THR A 474 21.75 2.61 19.54
CA THR A 474 23.02 2.24 20.19
C THR A 474 24.20 2.97 19.58
N SER A 475 23.92 3.95 18.74
CA SER A 475 24.94 4.65 17.99
C SER A 475 24.54 6.08 17.64
N ALA A 476 25.55 6.89 17.34
CA ALA A 476 25.40 8.32 17.09
C ALA A 476 26.67 8.89 16.51
N PHE A 477 26.54 9.90 15.66
CA PHE A 477 27.65 10.69 15.16
C PHE A 477 27.93 11.89 16.09
N VAL A 478 29.18 12.10 16.44
CA VAL A 478 29.54 13.32 17.15
C VAL A 478 30.50 14.16 16.33
N SER A 479 30.32 15.47 16.34
CA SER A 479 31.34 16.33 15.80
C SER A 479 32.01 17.19 16.89
N LEU A 480 33.34 17.23 16.85
CA LEU A 480 34.12 18.02 17.81
C LEU A 480 34.50 19.37 17.23
N SER A 481 34.97 20.26 18.10
CA SER A 481 35.34 21.62 17.74
C SER A 481 36.56 21.75 16.83
N GLN A 482 37.54 20.86 16.95
CA GLN A 482 38.79 21.01 16.19
C GLN A 482 39.40 19.67 15.73
N PRO A 483 40.03 19.66 14.54
CA PRO A 483 40.77 18.49 14.03
C PRO A 483 41.66 17.79 15.08
N GLU A 484 42.44 18.55 15.84
CA GLU A 484 43.37 17.95 16.81
C GLU A 484 42.58 17.17 17.86
N GLN A 485 41.39 17.68 18.19
CA GLN A 485 40.54 17.07 19.20
C GLN A 485 40.09 15.67 18.85
N VAL A 486 39.50 15.50 17.68
CA VAL A 486 39.13 14.17 17.18
C VAL A 486 40.23 13.14 17.53
N GLN A 487 41.44 13.40 17.01
CA GLN A 487 42.59 12.53 17.25
C GLN A 487 42.64 12.08 18.72
N ILE A 488 42.50 13.05 19.63
CA ILE A 488 42.70 12.84 21.07
C ILE A 488 41.66 11.94 21.73
N ALA A 489 40.37 12.24 21.55
CA ALA A 489 39.27 11.37 22.06
C ALA A 489 39.42 9.92 21.62
N VAL A 490 39.99 9.72 20.44
CA VAL A 490 40.30 8.38 19.96
C VAL A 490 41.35 7.79 20.87
N ASN A 491 42.41 8.55 21.14
CA ASN A 491 43.48 8.07 22.02
C ASN A 491 42.97 7.70 23.41
N THR A 492 42.05 8.50 23.94
CA THR A 492 41.46 8.25 25.25
C THR A 492 40.70 6.93 25.26
N SER A 493 39.80 6.77 24.30
CA SER A 493 38.93 5.60 24.16
C SER A 493 39.66 4.26 24.15
N LYS A 494 40.98 4.30 23.95
CA LYS A 494 41.82 3.12 24.02
C LYS A 494 41.72 2.48 25.40
N TYR A 495 41.26 3.22 26.40
CA TYR A 495 41.22 2.71 27.76
C TYR A 495 39.82 2.37 28.28
N ALA A 496 38.84 2.41 27.39
CA ALA A 496 37.44 2.14 27.73
C ALA A 496 36.88 0.80 27.20
N GLU A 497 35.65 0.49 27.61
CA GLU A 497 34.98 -0.75 27.22
C GLU A 497 33.55 -0.47 26.77
N SER A 498 32.87 0.42 27.51
CA SER A 498 31.51 0.88 27.24
C SER A 498 31.22 1.17 25.79
N TYR A 499 32.20 1.78 25.10
CA TYR A 499 31.97 2.36 23.79
C TYR A 499 33.17 2.20 22.88
N ARG A 500 33.01 2.55 21.60
CA ARG A 500 34.14 2.66 20.66
C ARG A 500 34.00 3.88 19.74
N ILE A 501 35.14 4.45 19.35
CA ILE A 501 35.18 5.70 18.55
C ILE A 501 35.75 5.45 17.15
N GLN A 502 35.25 6.15 16.14
CA GLN A 502 35.75 5.97 14.77
C GLN A 502 36.11 7.27 14.04
N THR A 503 36.36 7.17 12.74
CA THR A 503 36.99 8.24 11.94
C THR A 503 36.59 8.13 10.47
N TYR A 504 36.71 6.92 9.94
CA TYR A 504 36.33 6.66 8.57
C TYR A 504 35.78 5.25 8.49
N ALA A 505 34.55 5.16 8.00
CA ALA A 505 33.94 3.89 7.62
C ALA A 505 34.01 3.71 6.10
N GLY B 1 -21.62 -17.24 3.98
CA GLY B 1 -21.95 -16.72 5.38
C GLY B 1 -21.17 -17.33 6.56
N PRO B 2 -19.84 -17.39 6.44
CA PRO B 2 -18.83 -17.90 7.40
C PRO B 2 -18.77 -17.32 8.83
N MET B 3 -17.88 -17.89 9.65
CA MET B 3 -17.36 -17.27 10.89
C MET B 3 -16.27 -16.22 10.59
N GLU B 4 -16.25 -15.14 11.37
CA GLU B 4 -15.26 -14.09 11.22
C GLU B 4 -14.05 -14.42 12.06
N ILE B 5 -13.05 -15.03 11.46
CA ILE B 5 -11.87 -15.37 12.24
C ILE B 5 -10.84 -14.25 12.15
N ILE B 6 -10.64 -13.56 13.27
CA ILE B 6 -9.65 -12.51 13.36
C ILE B 6 -8.50 -12.88 14.32
N ARG B 7 -7.57 -11.95 14.54
CA ARG B 7 -6.42 -12.16 15.42
C ARG B 7 -6.86 -12.64 16.80
N SER B 8 -7.64 -11.79 17.46
CA SER B 8 -8.08 -12.00 18.83
C SER B 8 -8.87 -13.29 19.08
N ASN B 9 -9.46 -13.86 18.04
CA ASN B 9 -10.23 -15.09 18.20
C ASN B 9 -9.75 -16.31 17.39
N PHE B 10 -8.53 -16.21 16.87
CA PHE B 10 -7.97 -17.29 16.07
C PHE B 10 -7.70 -18.53 16.92
N LYS B 11 -6.88 -18.36 17.96
CA LYS B 11 -6.40 -19.48 18.77
C LYS B 11 -7.53 -20.28 19.37
N ILE B 12 -8.51 -19.60 19.96
CA ILE B 12 -9.63 -20.30 20.61
C ILE B 12 -10.49 -21.03 19.57
N ASN B 13 -10.49 -20.55 18.32
CA ASN B 13 -11.30 -21.20 17.28
C ASN B 13 -10.63 -22.31 16.50
N LEU B 14 -9.31 -22.24 16.39
CA LEU B 14 -8.54 -23.11 15.50
C LEU B 14 -9.03 -24.59 15.41
N HIS B 15 -9.36 -25.19 16.55
CA HIS B 15 -9.79 -26.61 16.60
C HIS B 15 -11.05 -26.88 15.76
N LYS B 16 -12.04 -25.98 15.83
CA LYS B 16 -13.25 -26.06 15.03
C LYS B 16 -12.90 -26.18 13.55
N VAL B 17 -11.86 -25.45 13.14
CA VAL B 17 -11.40 -25.44 11.76
C VAL B 17 -10.74 -26.77 11.36
N TYR B 18 -9.71 -27.15 12.10
CA TYR B 18 -9.05 -28.42 11.91
C TYR B 18 -10.06 -29.57 11.71
N GLN B 19 -11.05 -29.60 12.62
CA GLN B 19 -12.08 -30.62 12.63
C GLN B 19 -12.92 -30.63 11.35
N ALA B 20 -13.34 -29.46 10.87
CA ALA B 20 -14.07 -29.36 9.61
C ALA B 20 -13.24 -29.84 8.42
N ILE B 21 -11.98 -29.40 8.34
CA ILE B 21 -11.00 -29.88 7.35
C ILE B 21 -10.94 -31.40 7.40
N GLU B 22 -10.88 -31.88 8.64
CA GLU B 22 -10.66 -33.27 9.03
C GLU B 22 -11.88 -34.17 8.75
N GLU B 23 -13.08 -33.61 8.86
CA GLU B 23 -14.29 -34.35 8.59
C GLU B 23 -14.88 -34.07 7.19
N ALA B 24 -14.24 -33.19 6.43
CA ALA B 24 -14.83 -32.75 5.16
C ALA B 24 -14.51 -33.68 4.00
N ASP B 25 -15.41 -33.72 3.00
CA ASP B 25 -15.17 -34.46 1.76
C ASP B 25 -14.28 -33.65 0.85
N PHE B 26 -14.63 -32.38 0.67
CA PHE B 26 -13.80 -31.44 -0.04
C PHE B 26 -14.00 -30.08 0.59
N PHE B 27 -13.06 -29.17 0.32
CA PHE B 27 -13.26 -27.77 0.64
C PHE B 27 -13.28 -26.96 -0.61
N ALA B 28 -13.95 -25.82 -0.53
CA ALA B 28 -13.89 -24.79 -1.54
C ALA B 28 -13.18 -23.58 -0.91
N ILE B 29 -12.26 -22.95 -1.65
CA ILE B 29 -11.59 -21.76 -1.12
C ILE B 29 -11.69 -20.56 -2.06
N ASP B 30 -11.36 -19.37 -1.56
CA ASP B 30 -11.32 -18.17 -2.36
C ASP B 30 -10.54 -17.11 -1.60
N GLY B 31 -9.74 -16.33 -2.31
CA GLY B 31 -9.02 -15.20 -1.73
C GLY B 31 -9.55 -13.85 -2.18
N GLU B 32 -9.54 -12.86 -1.29
CA GLU B 32 -9.57 -11.44 -1.70
C GLU B 32 -8.17 -10.87 -1.56
N PHE B 33 -7.79 -10.00 -2.49
CA PHE B 33 -6.44 -9.42 -2.50
C PHE B 33 -6.40 -7.92 -2.44
N SER B 34 -5.17 -7.46 -2.26
CA SER B 34 -4.80 -6.05 -2.25
C SER B 34 -4.92 -5.37 -3.62
N GLY B 35 -4.68 -6.14 -4.69
CA GLY B 35 -4.65 -5.58 -6.04
C GLY B 35 -4.31 -6.61 -7.10
N ILE B 36 -4.62 -6.33 -8.37
CA ILE B 36 -4.36 -7.28 -9.47
C ILE B 36 -3.04 -6.99 -10.19
N SER B 37 -2.86 -5.77 -10.70
CA SER B 37 -1.67 -5.44 -11.50
C SER B 37 -0.97 -4.20 -10.98
N ASP B 38 0.37 -4.20 -10.98
CA ASP B 38 1.12 -2.95 -10.82
C ASP B 38 1.12 -2.30 -12.20
N GLY B 39 2.27 -2.06 -12.81
CA GLY B 39 2.33 -1.69 -14.25
C GLY B 39 1.18 -2.02 -15.25
N PRO B 40 1.22 -3.19 -15.90
CA PRO B 40 0.41 -3.50 -17.09
C PRO B 40 -1.07 -3.47 -16.85
N SER B 41 -1.84 -3.31 -17.93
CA SER B 41 -3.32 -3.32 -17.90
C SER B 41 -3.95 -4.68 -17.57
N VAL B 42 -5.27 -4.71 -17.44
CA VAL B 42 -5.97 -5.96 -17.14
C VAL B 42 -5.78 -6.97 -18.28
N THR B 43 -6.23 -6.58 -19.48
CA THR B 43 -6.04 -7.39 -20.66
C THR B 43 -4.55 -7.57 -21.05
N ALA B 44 -3.70 -6.55 -20.88
CA ALA B 44 -2.27 -6.76 -21.07
C ALA B 44 -1.71 -7.94 -20.22
N LEU B 45 -2.47 -8.30 -19.18
CA LEU B 45 -2.05 -9.34 -18.23
C LEU B 45 -2.74 -10.62 -18.59
N THR B 46 -3.84 -10.51 -19.31
CA THR B 46 -4.47 -11.69 -19.86
C THR B 46 -4.56 -11.55 -21.37
N SER B 47 -3.43 -11.83 -22.03
CA SER B 47 -3.18 -11.35 -23.39
C SER B 47 -3.91 -12.08 -24.50
N GLY B 48 -4.61 -13.19 -24.20
CA GLY B 48 -5.46 -13.87 -25.19
C GLY B 48 -4.83 -15.07 -25.89
N PHE B 49 -3.72 -14.85 -26.59
CA PHE B 49 -2.83 -15.95 -26.93
C PHE B 49 -1.47 -15.58 -26.40
N ASP B 50 -1.12 -16.23 -25.30
CA ASP B 50 0.23 -16.18 -24.76
C ASP B 50 0.41 -17.43 -23.94
N THR B 51 1.59 -18.02 -24.06
CA THR B 51 1.85 -19.31 -23.46
C THR B 51 2.06 -19.24 -21.95
N PRO B 52 1.55 -20.24 -21.24
CA PRO B 52 1.80 -20.49 -19.82
C PRO B 52 3.13 -19.97 -19.27
N GLU B 53 4.28 -20.51 -19.67
CA GLU B 53 5.55 -19.95 -19.20
C GLU B 53 5.51 -18.40 -19.14
N GLU B 54 5.08 -17.79 -20.26
CA GLU B 54 5.07 -16.32 -20.41
C GLU B 54 3.97 -15.69 -19.53
N ARG B 55 2.81 -16.35 -19.46
CA ARG B 55 1.75 -15.96 -18.50
C ARG B 55 2.28 -16.06 -17.07
N TYR B 56 2.69 -17.25 -16.66
CA TYR B 56 3.15 -17.43 -15.31
C TYR B 56 4.07 -16.29 -14.97
N GLN B 57 5.05 -16.03 -15.84
CA GLN B 57 6.12 -15.06 -15.65
C GLN B 57 5.58 -13.64 -15.46
N LYS B 58 4.59 -13.27 -16.28
CA LYS B 58 3.85 -12.00 -16.18
C LYS B 58 3.27 -11.83 -14.79
N LEU B 59 2.34 -12.74 -14.48
CA LEU B 59 1.66 -12.78 -13.19
C LEU B 59 2.65 -12.76 -12.04
N LYS B 60 3.78 -13.42 -12.23
CA LYS B 60 4.84 -13.43 -11.23
C LYS B 60 5.38 -12.01 -11.07
N LYS B 61 5.69 -11.38 -12.19
CA LYS B 61 6.33 -10.08 -12.22
C LYS B 61 5.41 -8.94 -11.85
N HIS B 62 4.10 -9.19 -11.81
CA HIS B 62 3.14 -8.09 -11.81
C HIS B 62 1.97 -8.22 -10.83
N SER B 63 1.87 -9.34 -10.12
CA SER B 63 0.73 -9.58 -9.27
C SER B 63 1.09 -9.97 -7.84
N MET B 64 2.29 -10.50 -7.68
CA MET B 64 2.67 -11.12 -6.43
C MET B 64 3.01 -10.18 -5.25
N ASP B 65 3.06 -8.87 -5.47
CA ASP B 65 3.36 -8.04 -4.31
C ASP B 65 2.10 -7.65 -3.65
N PHE B 66 0.99 -8.09 -4.21
CA PHE B 66 -0.29 -7.77 -3.61
C PHE B 66 -0.58 -8.70 -2.47
N LEU B 67 -1.33 -8.19 -1.50
CA LEU B 67 -1.59 -8.97 -0.32
C LEU B 67 -2.89 -9.79 -0.39
N LEU B 68 -2.77 -11.09 -0.20
CA LEU B 68 -3.93 -11.92 0.05
C LEU B 68 -4.32 -11.60 1.48
N PHE B 69 -5.41 -10.84 1.70
CA PHE B 69 -5.76 -10.41 3.06
C PHE B 69 -7.14 -10.87 3.56
N GLN B 70 -7.81 -11.62 2.72
CA GLN B 70 -8.97 -12.31 3.20
C GLN B 70 -9.05 -13.66 2.52
N PHE B 71 -9.09 -14.71 3.35
CA PHE B 71 -9.17 -16.11 2.92
C PHE B 71 -10.53 -16.71 3.26
N GLY B 72 -11.24 -17.16 2.23
CA GLY B 72 -12.52 -17.83 2.44
C GLY B 72 -12.30 -19.32 2.38
N LEU B 73 -12.89 -20.03 3.33
CA LEU B 73 -12.79 -21.48 3.32
C LEU B 73 -14.10 -22.04 3.75
N CYS B 74 -14.66 -22.84 2.84
CA CYS B 74 -15.83 -23.61 3.14
C CYS B 74 -15.58 -25.10 2.90
N ALA B 75 -15.65 -25.87 3.99
CA ALA B 75 -15.64 -27.35 3.97
C ALA B 75 -17.03 -28.01 3.82
N PHE B 76 -17.07 -29.03 2.96
CA PHE B 76 -18.31 -29.76 2.65
C PHE B 76 -18.23 -31.23 3.03
N LYS B 77 -19.23 -31.72 3.74
CA LYS B 77 -19.29 -33.15 4.08
C LYS B 77 -20.65 -33.71 3.72
N TYR B 78 -20.65 -34.79 2.94
CA TYR B 78 -21.89 -35.42 2.50
C TYR B 78 -22.44 -36.36 3.58
N ASP B 79 -23.67 -36.12 4.02
CA ASP B 79 -24.39 -37.00 4.92
C ASP B 79 -25.24 -37.97 4.11
N HIS B 80 -25.00 -39.26 4.29
CA HIS B 80 -25.66 -40.31 3.47
C HIS B 80 -27.12 -40.59 3.81
N THR B 81 -27.53 -40.25 5.02
CA THR B 81 -28.92 -40.49 5.44
C THR B 81 -29.91 -39.47 4.83
N ASP B 82 -29.69 -38.18 5.06
CA ASP B 82 -30.65 -37.17 4.60
C ASP B 82 -30.35 -36.70 3.19
N SER B 83 -29.42 -37.38 2.52
CA SER B 83 -29.00 -37.05 1.16
C SER B 83 -28.49 -35.62 1.00
N LYS B 84 -28.20 -34.97 2.12
CA LYS B 84 -27.81 -33.57 2.12
C LYS B 84 -26.31 -33.40 2.28
N HIS B 85 -25.82 -32.21 1.93
CA HIS B 85 -24.47 -31.81 2.23
C HIS B 85 -24.53 -30.92 3.45
N VAL B 86 -23.64 -31.20 4.40
CA VAL B 86 -23.41 -30.36 5.57
C VAL B 86 -22.25 -29.37 5.26
N THR B 87 -22.37 -28.10 5.63
CA THR B 87 -21.28 -27.13 5.38
C THR B 87 -20.71 -26.48 6.63
N LYS B 88 -19.49 -25.96 6.48
CA LYS B 88 -18.85 -25.07 7.46
C LYS B 88 -17.97 -24.10 6.67
N SER B 89 -18.17 -22.79 6.86
CA SER B 89 -17.44 -21.76 6.09
C SER B 89 -16.75 -20.75 7.00
N PHE B 90 -15.61 -20.23 6.55
CA PHE B 90 -14.80 -19.37 7.41
C PHE B 90 -14.29 -18.15 6.64
N ASN B 91 -14.11 -17.03 7.35
CA ASN B 91 -13.51 -15.81 6.78
C ASN B 91 -12.28 -15.40 7.53
N PHE B 92 -11.13 -15.77 7.04
CA PHE B 92 -9.94 -15.40 7.79
C PHE B 92 -9.43 -14.08 7.26
N TYR B 93 -9.25 -13.12 8.15
CA TYR B 93 -8.58 -11.90 7.81
C TYR B 93 -7.12 -12.09 8.17
N VAL B 94 -6.24 -11.89 7.20
CA VAL B 94 -4.83 -12.16 7.46
C VAL B 94 -4.01 -10.91 7.20
N PHE B 95 -2.98 -10.67 8.02
CA PHE B 95 -2.14 -9.47 7.92
C PHE B 95 -0.73 -9.69 8.53
N PRO B 96 0.34 -9.41 7.76
CA PRO B 96 1.69 -9.72 8.20
C PRO B 96 2.20 -8.72 9.24
N LYS B 97 1.53 -8.66 10.39
CA LYS B 97 1.97 -7.86 11.53
C LYS B 97 3.34 -8.37 11.89
N PRO B 98 4.35 -7.47 12.00
CA PRO B 98 5.70 -7.91 12.26
C PRO B 98 5.77 -8.58 13.63
N PHE B 99 6.58 -9.63 13.77
CA PHE B 99 6.68 -10.32 15.04
C PHE B 99 7.56 -9.61 16.04
N SER B 100 8.73 -9.19 15.58
CA SER B 100 9.71 -8.59 16.47
C SER B 100 10.23 -7.32 15.84
N ARG B 101 11.36 -6.87 16.34
CA ARG B 101 12.05 -5.70 15.81
C ARG B 101 13.09 -6.16 14.78
N SER B 102 13.37 -7.46 14.74
CA SER B 102 14.34 -8.07 13.81
C SER B 102 13.64 -8.87 12.71
N SER B 103 12.41 -9.28 12.97
CA SER B 103 11.57 -10.00 12.03
C SER B 103 11.31 -9.17 10.74
N PRO B 104 11.22 -9.84 9.56
CA PRO B 104 11.02 -9.09 8.32
C PRO B 104 9.76 -8.22 8.37
N ASP B 105 9.82 -7.01 7.82
CA ASP B 105 8.70 -6.09 7.83
C ASP B 105 8.12 -6.07 6.43
N VAL B 106 7.00 -6.73 6.23
CA VAL B 106 6.51 -6.96 4.89
C VAL B 106 6.03 -5.69 4.20
N LYS B 107 6.29 -5.57 2.92
CA LYS B 107 5.92 -4.40 2.19
C LYS B 107 5.08 -4.88 1.05
N PHE B 108 3.78 -4.77 1.21
CA PHE B 108 2.86 -5.22 0.18
C PHE B 108 2.33 -4.00 -0.57
N VAL B 109 1.65 -4.22 -1.71
CA VAL B 109 1.22 -3.11 -2.52
C VAL B 109 -0.30 -3.14 -2.59
N CYS B 110 -0.90 -1.96 -2.74
CA CYS B 110 -2.33 -1.81 -3.00
C CYS B 110 -2.64 -1.18 -4.34
N GLN B 111 -3.72 -1.61 -4.96
CA GLN B 111 -4.18 -1.05 -6.20
C GLN B 111 -5.54 -0.43 -5.96
N SER B 112 -5.60 0.88 -6.26
CA SER B 112 -6.66 1.78 -5.83
C SER B 112 -8.03 1.34 -6.29
N SER B 113 -8.11 0.84 -7.51
CA SER B 113 -9.38 0.35 -8.02
C SER B 113 -9.87 -0.86 -7.22
N SER B 114 -8.99 -1.84 -7.03
CA SER B 114 -9.29 -3.01 -6.18
C SER B 114 -9.79 -2.60 -4.80
N ILE B 115 -9.10 -1.64 -4.21
CA ILE B 115 -9.46 -1.20 -2.89
C ILE B 115 -10.84 -0.57 -2.90
N ASP B 116 -10.99 0.41 -3.78
CA ASP B 116 -12.26 1.06 -4.11
C ASP B 116 -13.45 0.10 -4.37
N PHE B 117 -13.21 -0.96 -5.18
CA PHE B 117 -14.18 -2.00 -5.40
C PHE B 117 -14.57 -2.65 -4.06
N LEU B 118 -13.57 -3.19 -3.35
CA LEU B 118 -13.82 -3.81 -2.07
C LEU B 118 -14.67 -2.89 -1.15
N ALA B 119 -14.38 -1.59 -1.22
CA ALA B 119 -15.12 -0.64 -0.41
C ALA B 119 -16.59 -0.73 -0.74
N SER B 120 -16.92 -0.71 -2.03
CA SER B 120 -18.31 -0.75 -2.45
C SER B 120 -19.01 -2.06 -2.10
N GLN B 121 -18.27 -2.99 -1.51
CA GLN B 121 -18.85 -4.27 -1.13
C GLN B 121 -19.06 -4.42 0.38
N GLY B 122 -18.85 -3.37 1.16
CA GLY B 122 -18.96 -3.46 2.61
C GLY B 122 -17.77 -4.03 3.37
N PHE B 123 -16.68 -4.27 2.65
CA PHE B 123 -15.42 -4.73 3.23
C PHE B 123 -15.01 -3.85 4.42
N ASP B 124 -14.48 -4.46 5.47
CA ASP B 124 -14.06 -3.69 6.64
C ASP B 124 -12.54 -3.77 6.77
N PHE B 125 -11.85 -2.68 6.42
CA PHE B 125 -10.40 -2.73 6.32
C PHE B 125 -9.73 -2.79 7.66
N ASN B 126 -10.44 -2.28 8.65
CA ASN B 126 -9.98 -2.36 10.00
C ASN B 126 -9.77 -3.80 10.48
N LYS B 127 -10.62 -4.70 9.98
CA LYS B 127 -10.50 -6.15 10.23
C LYS B 127 -9.15 -6.66 9.73
N VAL B 128 -8.75 -6.18 8.56
CA VAL B 128 -7.50 -6.60 8.01
C VAL B 128 -6.32 -5.99 8.75
N PHE B 129 -6.34 -4.66 8.86
CA PHE B 129 -5.14 -3.94 9.25
C PHE B 129 -4.95 -3.81 10.75
N CYS B 130 -6.05 -3.87 11.50
CA CYS B 130 -5.96 -3.82 12.96
C CYS B 130 -6.08 -5.20 13.54
N SER B 131 -6.87 -6.06 12.90
CA SER B 131 -7.22 -7.36 13.45
C SER B 131 -6.80 -8.55 12.61
N GLY B 132 -6.00 -8.31 11.57
CA GLY B 132 -5.48 -9.38 10.72
C GLY B 132 -4.62 -10.40 11.46
N ILE B 133 -4.64 -11.63 10.97
CA ILE B 133 -3.97 -12.75 11.61
C ILE B 133 -2.57 -12.80 11.03
N PRO B 134 -1.55 -12.78 11.89
CA PRO B 134 -0.20 -12.94 11.36
C PRO B 134 0.07 -14.34 10.78
N TYR B 135 1.28 -14.54 10.28
CA TYR B 135 1.64 -15.76 9.59
C TYR B 135 3.11 -15.74 9.17
N LEU B 136 3.70 -16.92 8.95
CA LEU B 136 5.05 -17.02 8.41
C LEU B 136 5.15 -18.10 7.34
N ASN B 137 6.08 -17.91 6.40
CA ASN B 137 6.30 -18.91 5.37
C ASN B 137 7.23 -20.05 5.84
N GLN B 138 7.56 -20.96 4.92
CA GLN B 138 8.51 -22.09 5.17
C GLN B 138 9.80 -21.60 5.81
N GLU B 139 10.48 -20.69 5.13
CA GLU B 139 11.74 -20.08 5.59
C GLU B 139 11.61 -19.42 6.96
N GLU B 140 10.90 -18.29 7.00
CA GLU B 140 10.73 -17.52 8.22
C GLU B 140 10.56 -18.43 9.44
N GLU B 141 9.71 -19.45 9.31
CA GLU B 141 9.47 -20.40 10.38
C GLU B 141 10.72 -21.21 10.69
N ARG B 142 11.21 -21.97 9.71
CA ARG B 142 12.44 -22.74 9.83
C ARG B 142 13.54 -21.89 10.49
N GLN B 143 13.56 -20.59 10.14
CA GLN B 143 14.67 -19.67 10.46
C GLN B 143 14.60 -18.92 11.80
N LEU B 144 13.44 -18.39 12.17
CA LEU B 144 13.32 -17.72 13.48
C LEU B 144 13.60 -18.71 14.61
N ARG B 145 13.80 -19.98 14.23
CA ARG B 145 14.38 -20.97 15.12
C ARG B 145 15.90 -20.87 15.13
N GLU B 146 16.45 -20.59 16.32
CA GLU B 146 17.88 -20.32 16.56
C GLU B 146 18.36 -19.11 15.73
N THR B 253 8.75 -23.80 27.04
CA THR B 253 8.08 -22.73 27.79
C THR B 253 7.24 -21.85 26.87
N LYS B 254 7.21 -20.57 27.24
CA LYS B 254 6.42 -19.51 26.60
C LYS B 254 6.82 -19.28 25.15
N GLU B 255 8.10 -19.47 24.83
CA GLU B 255 8.55 -19.23 23.47
C GLU B 255 8.12 -20.35 22.51
N GLN B 256 8.25 -21.59 22.98
CA GLN B 256 7.70 -22.78 22.30
C GLN B 256 6.20 -22.61 21.90
N GLU B 257 5.60 -21.55 22.44
CA GLU B 257 4.19 -21.25 22.29
C GLU B 257 3.97 -19.93 21.56
N GLU B 258 5.05 -19.17 21.36
CA GLU B 258 5.01 -17.95 20.58
C GLU B 258 5.53 -18.24 19.18
N LEU B 259 6.14 -19.41 19.03
CA LEU B 259 6.46 -19.95 17.71
C LEU B 259 5.17 -20.27 16.99
N ASN B 260 4.23 -20.89 17.70
CA ASN B 260 2.96 -21.30 17.11
C ASN B 260 1.97 -20.17 16.98
N ASP B 261 2.38 -18.99 17.39
CA ASP B 261 1.58 -17.83 17.23
C ASP B 261 2.05 -17.06 16.02
N ALA B 262 3.34 -17.17 15.71
CA ALA B 262 3.95 -16.38 14.67
C ALA B 262 3.67 -16.97 13.30
N VAL B 263 3.68 -18.31 13.23
CA VAL B 263 3.28 -19.03 12.02
C VAL B 263 1.80 -18.80 11.80
N GLY B 264 1.06 -18.66 12.92
CA GLY B 264 -0.33 -18.22 12.95
C GLY B 264 -1.21 -18.76 11.84
N PHE B 265 -1.56 -17.91 10.87
CA PHE B 265 -2.41 -18.37 9.78
C PHE B 265 -1.89 -19.53 8.90
N SER B 266 -0.57 -19.60 8.70
CA SER B 266 0.00 -20.62 7.85
C SER B 266 -0.38 -22.02 8.35
N ARG B 267 -0.79 -22.09 9.62
CA ARG B 267 -1.19 -23.37 10.23
C ARG B 267 -2.43 -23.93 9.54
N VAL B 268 -3.34 -23.04 9.17
CA VAL B 268 -4.54 -23.41 8.42
C VAL B 268 -4.18 -23.97 7.05
N ILE B 269 -3.29 -23.28 6.33
CA ILE B 269 -2.87 -23.75 5.02
C ILE B 269 -2.15 -25.12 5.06
N HIS B 270 -1.32 -25.31 6.10
CA HIS B 270 -0.67 -26.58 6.38
C HIS B 270 -1.74 -27.66 6.54
N ALA B 271 -2.80 -27.34 7.26
CA ALA B 271 -3.88 -28.26 7.48
C ALA B 271 -4.52 -28.68 6.17
N ILE B 272 -4.88 -27.72 5.32
CA ILE B 272 -5.46 -28.05 4.02
C ILE B 272 -4.46 -28.87 3.18
N ALA B 273 -3.23 -28.36 3.05
CA ALA B 273 -2.18 -29.05 2.32
C ALA B 273 -2.00 -30.53 2.72
N ASN B 274 -2.11 -30.82 4.01
CA ASN B 274 -1.86 -32.17 4.52
C ASN B 274 -3.03 -33.13 4.44
N SER B 275 -4.26 -32.60 4.61
CA SER B 275 -5.45 -33.43 4.58
C SER B 275 -5.55 -34.21 3.27
N GLY B 276 -4.83 -33.72 2.26
CA GLY B 276 -4.80 -34.33 0.93
C GLY B 276 -6.13 -34.33 0.22
N LYS B 277 -7.12 -33.71 0.84
CA LYS B 277 -8.46 -33.67 0.28
C LYS B 277 -8.53 -32.63 -0.85
N LEU B 278 -9.57 -32.72 -1.68
CA LEU B 278 -9.73 -31.83 -2.83
C LEU B 278 -10.08 -30.40 -2.44
N VAL B 279 -9.37 -29.48 -3.08
CA VAL B 279 -9.56 -28.04 -2.93
C VAL B 279 -10.09 -27.53 -4.27
N VAL B 280 -11.27 -26.91 -4.24
CA VAL B 280 -11.95 -26.39 -5.42
C VAL B 280 -11.89 -24.89 -5.34
N GLY B 281 -11.48 -24.25 -6.44
CA GLY B 281 -11.50 -22.80 -6.56
C GLY B 281 -12.32 -22.40 -7.78
N HIS B 282 -12.62 -21.10 -7.92
CA HIS B 282 -13.20 -20.58 -9.14
C HIS B 282 -12.28 -19.57 -9.86
N ASN B 283 -11.76 -19.99 -11.02
CA ASN B 283 -10.78 -19.18 -11.76
C ASN B 283 -9.58 -18.88 -10.86
N MET B 284 -8.97 -19.96 -10.35
CA MET B 284 -8.14 -19.91 -9.15
C MET B 284 -6.60 -19.84 -9.28
N LEU B 285 -6.08 -19.58 -10.47
CA LEU B 285 -4.62 -19.48 -10.67
C LEU B 285 -3.97 -18.47 -9.75
N LEU B 286 -4.58 -17.28 -9.61
CA LEU B 286 -4.08 -16.28 -8.66
C LEU B 286 -4.24 -16.72 -7.23
N ASP B 287 -5.41 -17.17 -6.81
CA ASP B 287 -5.56 -17.60 -5.42
C ASP B 287 -4.38 -18.52 -5.12
N VAL B 288 -4.21 -19.56 -5.93
CA VAL B 288 -3.08 -20.47 -5.77
C VAL B 288 -1.74 -19.75 -5.68
N MET B 289 -1.36 -18.97 -6.71
CA MET B 289 -0.02 -18.34 -6.72
C MET B 289 0.28 -17.52 -5.46
N HIS B 290 -0.64 -16.63 -5.07
CA HIS B 290 -0.52 -15.88 -3.80
C HIS B 290 -0.37 -16.80 -2.60
N THR B 291 -1.26 -17.79 -2.52
CA THR B 291 -1.31 -18.68 -1.39
C THR B 291 0.06 -19.27 -1.13
N ILE B 292 0.72 -19.80 -2.15
CA ILE B 292 2.04 -20.37 -1.88
C ILE B 292 3.07 -19.25 -1.74
N HIS B 293 2.90 -18.18 -2.49
CA HIS B 293 3.81 -17.04 -2.35
C HIS B 293 3.85 -16.47 -0.93
N GLN B 294 2.68 -16.31 -0.33
CA GLN B 294 2.55 -15.75 1.01
C GLN B 294 2.88 -16.70 2.14
N PHE B 295 2.53 -17.97 1.99
CA PHE B 295 2.60 -18.90 3.10
C PHE B 295 3.62 -20.00 2.96
N TYR B 296 4.22 -20.12 1.77
CA TYR B 296 5.22 -21.15 1.57
C TYR B 296 6.57 -20.60 1.19
N CYS B 297 6.67 -19.91 0.07
CA CYS B 297 7.93 -19.30 -0.31
C CYS B 297 7.79 -18.53 -1.60
N PRO B 298 8.80 -17.69 -1.91
CA PRO B 298 8.86 -16.94 -3.17
C PRO B 298 8.54 -17.86 -4.34
N LEU B 299 7.72 -17.41 -5.28
CA LEU B 299 7.47 -18.22 -6.45
C LEU B 299 8.76 -18.48 -7.25
N PRO B 300 8.95 -19.71 -7.76
CA PRO B 300 10.20 -20.11 -8.39
C PRO B 300 10.38 -19.53 -9.78
N ALA B 301 11.62 -19.51 -10.27
CA ALA B 301 11.98 -18.93 -11.57
C ALA B 301 11.19 -19.51 -12.76
N ASP B 302 10.85 -20.79 -12.68
CA ASP B 302 10.23 -21.47 -13.81
C ASP B 302 8.86 -22.00 -13.49
N LEU B 303 8.05 -22.14 -14.54
CA LEU B 303 6.73 -22.74 -14.43
C LEU B 303 6.80 -24.17 -13.89
N ASN B 304 7.65 -24.99 -14.48
CA ASN B 304 7.73 -26.38 -14.06
C ASN B 304 8.08 -26.51 -12.60
N GLU B 305 9.07 -25.75 -12.15
CA GLU B 305 9.37 -25.65 -10.72
C GLU B 305 8.14 -25.21 -9.88
N PHE B 306 7.23 -24.43 -10.47
CA PHE B 306 5.99 -24.03 -9.81
C PHE B 306 4.93 -25.14 -9.73
N LYS B 307 4.83 -25.93 -10.80
CA LYS B 307 3.85 -27.01 -10.87
C LYS B 307 4.15 -28.05 -9.81
N GLU B 308 5.43 -28.35 -9.63
CA GLU B 308 5.89 -29.19 -8.52
C GLU B 308 5.36 -28.57 -7.25
N MET B 309 5.79 -27.33 -7.00
CA MET B 309 5.46 -26.62 -5.78
C MET B 309 3.96 -26.63 -5.48
N ALA B 310 3.15 -26.45 -6.52
CA ALA B 310 1.71 -26.35 -6.41
C ALA B 310 1.08 -27.61 -5.86
N ILE B 311 1.42 -28.75 -6.44
CA ILE B 311 0.82 -30.01 -6.01
C ILE B 311 1.44 -30.65 -4.77
N CYS B 312 2.31 -29.94 -4.04
CA CYS B 312 2.71 -30.40 -2.70
C CYS B 312 1.89 -29.68 -1.67
N VAL B 313 1.51 -28.46 -2.00
CA VAL B 313 0.71 -27.74 -1.12
C VAL B 313 -0.68 -28.37 -1.31
N PHE B 314 -1.08 -28.57 -2.56
CA PHE B 314 -2.40 -29.10 -2.83
C PHE B 314 -2.34 -30.17 -3.88
N PRO B 315 -2.34 -31.44 -3.46
CA PRO B 315 -2.47 -32.59 -4.34
C PRO B 315 -3.70 -32.62 -5.24
N ARG B 316 -4.83 -32.07 -4.81
CA ARG B 316 -6.04 -32.17 -5.59
C ARG B 316 -6.75 -30.84 -5.69
N LEU B 317 -6.67 -30.25 -6.88
CA LEU B 317 -7.25 -28.96 -7.20
C LEU B 317 -8.28 -29.15 -8.28
N LEU B 318 -9.41 -28.47 -8.15
CA LEU B 318 -10.36 -28.40 -9.25
C LEU B 318 -10.98 -27.03 -9.35
N ASP B 319 -10.85 -26.44 -10.53
CA ASP B 319 -11.33 -25.10 -10.82
C ASP B 319 -12.72 -25.18 -11.42
N THR B 320 -13.72 -24.70 -10.69
CA THR B 320 -15.12 -24.72 -11.18
C THR B 320 -15.30 -24.06 -12.55
N LYS B 321 -14.67 -22.90 -12.77
CA LYS B 321 -14.82 -22.20 -14.05
C LYS B 321 -14.35 -23.03 -15.26
N LEU B 322 -13.35 -23.87 -15.07
CA LEU B 322 -12.90 -24.71 -16.17
C LEU B 322 -13.93 -25.77 -16.41
N MET B 323 -14.47 -26.34 -15.33
CA MET B 323 -15.49 -27.39 -15.40
C MET B 323 -16.70 -26.89 -16.21
N ALA B 324 -17.27 -25.78 -15.77
CA ALA B 324 -18.35 -25.10 -16.50
C ALA B 324 -18.00 -24.71 -17.93
N SER B 325 -16.73 -24.74 -18.29
CA SER B 325 -16.34 -24.34 -19.63
C SER B 325 -16.00 -25.53 -20.50
N THR B 326 -16.55 -26.69 -20.16
CA THR B 326 -16.22 -27.88 -20.94
C THR B 326 -17.42 -28.79 -21.17
N GLN B 327 -17.32 -29.67 -22.15
CA GLN B 327 -18.37 -30.64 -22.37
C GLN B 327 -18.61 -31.42 -21.09
N PRO B 328 -19.89 -31.67 -20.75
CA PRO B 328 -21.07 -31.25 -21.53
C PRO B 328 -21.53 -29.82 -21.22
N PHE B 329 -20.88 -29.20 -20.24
CA PHE B 329 -21.31 -27.90 -19.76
C PHE B 329 -21.10 -26.78 -20.78
N LYS B 330 -20.15 -27.00 -21.69
CA LYS B 330 -19.80 -25.99 -22.71
C LYS B 330 -21.00 -25.57 -23.57
N ASP B 331 -21.90 -26.51 -23.86
CA ASP B 331 -23.07 -26.21 -24.71
C ASP B 331 -24.27 -25.65 -23.94
N ILE B 332 -24.37 -25.97 -22.66
CA ILE B 332 -25.52 -25.60 -21.83
C ILE B 332 -25.31 -24.29 -21.07
N ILE B 333 -24.05 -23.87 -20.93
CA ILE B 333 -23.70 -22.67 -20.18
C ILE B 333 -22.97 -21.64 -21.06
N ASN B 334 -23.43 -20.39 -21.02
CA ASN B 334 -22.89 -19.33 -21.88
C ASN B 334 -22.08 -18.23 -21.17
N ASN B 335 -22.27 -18.13 -19.87
CA ASN B 335 -21.47 -17.24 -19.05
C ASN B 335 -20.97 -17.94 -17.79
N THR B 336 -19.65 -17.86 -17.54
CA THR B 336 -19.01 -18.64 -16.47
C THR B 336 -18.44 -17.78 -15.37
N SER B 337 -18.88 -16.52 -15.30
CA SER B 337 -18.69 -15.70 -14.13
C SER B 337 -19.30 -16.44 -12.93
N LEU B 338 -18.63 -16.43 -11.78
CA LEU B 338 -19.17 -17.14 -10.62
C LEU B 338 -20.64 -16.79 -10.35
N ALA B 339 -20.99 -15.51 -10.26
CA ALA B 339 -22.38 -15.15 -9.95
C ALA B 339 -23.39 -15.64 -11.02
N GLU B 340 -23.00 -15.56 -12.29
CA GLU B 340 -23.83 -16.07 -13.39
C GLU B 340 -23.90 -17.58 -13.38
N LEU B 341 -22.77 -18.20 -13.07
CA LEU B 341 -22.71 -19.65 -13.00
C LEU B 341 -23.61 -20.18 -11.89
N GLU B 342 -23.67 -19.48 -10.78
CA GLU B 342 -24.49 -19.96 -9.69
C GLU B 342 -25.97 -19.94 -10.11
N LYS B 343 -26.36 -18.97 -10.93
CA LYS B 343 -27.75 -18.92 -11.38
C LYS B 343 -28.10 -20.01 -12.41
N ARG B 344 -27.24 -20.21 -13.39
CA ARG B 344 -27.48 -21.19 -14.45
C ARG B 344 -27.57 -22.62 -13.93
N LEU B 345 -26.80 -22.92 -12.89
CA LEU B 345 -26.81 -24.26 -12.31
C LEU B 345 -27.97 -24.50 -11.34
N LYS B 346 -28.89 -23.55 -11.26
CA LYS B 346 -30.10 -23.70 -10.48
C LYS B 346 -31.18 -24.31 -11.36
N GLU B 347 -31.19 -23.95 -12.63
CA GLU B 347 -32.23 -24.39 -13.55
C GLU B 347 -31.88 -25.68 -14.26
N THR B 348 -32.90 -26.26 -14.91
CA THR B 348 -32.74 -27.45 -15.72
C THR B 348 -31.60 -27.18 -16.70
N PRO B 349 -30.86 -28.23 -17.10
CA PRO B 349 -31.00 -29.64 -16.72
C PRO B 349 -30.26 -29.95 -15.41
N PHE B 350 -30.13 -28.94 -14.57
CA PHE B 350 -29.50 -29.12 -13.28
C PHE B 350 -30.55 -29.04 -12.21
N ASP B 351 -30.15 -29.34 -10.98
CA ASP B 351 -30.92 -28.99 -9.78
C ASP B 351 -29.93 -28.66 -8.67
N PRO B 352 -30.25 -27.62 -7.89
CA PRO B 352 -29.45 -27.14 -6.74
C PRO B 352 -29.40 -28.12 -5.59
N PRO B 353 -28.19 -28.64 -5.27
CA PRO B 353 -27.90 -29.58 -4.19
C PRO B 353 -28.69 -29.30 -2.92
N LYS B 354 -29.17 -30.36 -2.30
CA LYS B 354 -29.71 -30.26 -0.95
C LYS B 354 -28.51 -29.96 -0.04
N VAL B 355 -28.37 -28.72 0.37
CA VAL B 355 -27.26 -28.37 1.24
C VAL B 355 -27.75 -27.78 2.56
N GLU B 356 -27.00 -28.02 3.62
CA GLU B 356 -27.35 -27.51 4.92
C GLU B 356 -26.09 -27.22 5.67
N SER B 357 -26.16 -26.34 6.66
CA SER B 357 -24.99 -26.00 7.47
C SER B 357 -24.94 -26.85 8.76
N ALA B 358 -23.90 -26.72 9.56
CA ALA B 358 -23.73 -27.60 10.71
C ALA B 358 -24.36 -27.03 11.98
N GLU B 359 -23.72 -26.02 12.57
CA GLU B 359 -24.24 -25.32 13.74
C GLU B 359 -24.19 -23.79 13.56
N HIS B 372 -20.88 -10.06 0.12
CA HIS B 372 -19.80 -10.57 -0.74
C HIS B 372 -18.46 -10.70 0.01
N GLU B 373 -18.13 -11.92 0.42
CA GLU B 373 -16.89 -12.22 1.13
C GLU B 373 -16.20 -13.36 0.41
N ALA B 374 -14.94 -13.58 0.78
CA ALA B 374 -14.17 -14.68 0.23
C ALA B 374 -14.82 -15.99 0.68
N GLY B 375 -15.26 -16.02 1.94
CA GLY B 375 -16.05 -17.13 2.49
C GLY B 375 -17.26 -17.46 1.64
N TYR B 376 -18.26 -16.57 1.66
CA TYR B 376 -19.43 -16.71 0.77
C TYR B 376 -19.13 -17.17 -0.66
N ASP B 377 -18.15 -16.53 -1.30
CA ASP B 377 -17.68 -16.95 -2.60
C ASP B 377 -17.28 -18.42 -2.65
N ALA B 378 -16.55 -18.88 -1.63
CA ALA B 378 -16.16 -20.28 -1.53
C ALA B 378 -17.41 -21.15 -1.43
N TYR B 379 -18.23 -20.88 -0.41
CA TYR B 379 -19.54 -21.49 -0.28
C TYR B 379 -20.34 -21.62 -1.60
N ILE B 380 -20.34 -20.57 -2.40
CA ILE B 380 -20.97 -20.63 -3.72
C ILE B 380 -20.15 -21.52 -4.65
N THR B 381 -18.86 -21.23 -4.76
CA THR B 381 -17.94 -22.01 -5.59
C THR B 381 -18.17 -23.51 -5.42
N GLY B 382 -18.20 -23.96 -4.18
CA GLY B 382 -18.39 -25.38 -3.88
C GLY B 382 -19.74 -25.91 -4.34
N LEU B 383 -20.76 -25.09 -4.16
CA LEU B 383 -22.10 -25.46 -4.54
C LEU B 383 -22.24 -25.62 -6.05
N CYS B 384 -21.53 -24.77 -6.80
CA CYS B 384 -21.48 -24.95 -8.23
C CYS B 384 -20.88 -26.33 -8.54
N PHE B 385 -19.77 -26.66 -7.89
CA PHE B 385 -19.09 -27.92 -8.13
C PHE B 385 -20.03 -29.11 -7.95
N ILE B 386 -20.80 -29.07 -6.87
CA ILE B 386 -21.71 -30.15 -6.54
C ILE B 386 -22.78 -30.26 -7.61
N SER B 387 -23.35 -29.12 -8.02
CA SER B 387 -24.37 -29.13 -9.05
C SER B 387 -23.83 -29.75 -10.34
N MET B 388 -22.59 -29.41 -10.70
CA MET B 388 -21.96 -29.94 -11.91
C MET B 388 -21.51 -31.41 -11.75
N ALA B 389 -21.16 -31.81 -10.54
CA ALA B 389 -20.86 -33.23 -10.31
C ALA B 389 -22.13 -34.06 -10.49
N ASN B 390 -23.18 -33.69 -9.76
CA ASN B 390 -24.49 -34.31 -9.83
C ASN B 390 -24.98 -34.52 -11.27
N TYR B 391 -24.95 -33.45 -12.06
CA TYR B 391 -25.34 -33.51 -13.46
C TYR B 391 -24.51 -34.52 -14.27
N LEU B 392 -23.19 -34.45 -14.10
CA LEU B 392 -22.28 -35.37 -14.79
C LEU B 392 -22.68 -36.85 -14.63
N GLY B 393 -23.20 -37.23 -13.47
CA GLY B 393 -23.79 -38.56 -13.26
C GLY B 393 -25.20 -38.66 -13.77
N SER B 407 -15.24 -39.18 -6.98
CA SER B 407 -15.70 -39.88 -8.17
C SER B 407 -14.55 -40.03 -9.13
N LYS B 408 -14.76 -40.77 -10.22
CA LYS B 408 -13.77 -40.90 -11.28
C LYS B 408 -14.23 -40.08 -12.48
N LEU B 409 -15.52 -39.75 -12.48
CA LEU B 409 -16.11 -38.97 -13.56
C LEU B 409 -15.51 -37.57 -13.54
N ILE B 410 -15.01 -37.19 -12.38
CA ILE B 410 -14.55 -35.84 -12.06
C ILE B 410 -13.04 -35.68 -12.32
N GLU B 411 -12.33 -36.80 -12.17
CA GLU B 411 -10.89 -36.90 -12.30
C GLU B 411 -10.28 -36.05 -13.43
N PRO B 412 -10.76 -36.19 -14.68
CA PRO B 412 -10.18 -35.40 -15.78
C PRO B 412 -9.90 -33.93 -15.50
N PHE B 413 -10.66 -33.31 -14.60
CA PHE B 413 -10.48 -31.88 -14.29
C PHE B 413 -9.34 -31.56 -13.32
N PHE B 414 -9.03 -32.51 -12.46
CA PHE B 414 -8.02 -32.32 -11.44
C PHE B 414 -6.76 -31.67 -11.92
N ASN B 415 -6.31 -30.69 -11.14
CA ASN B 415 -5.00 -30.07 -11.31
C ASN B 415 -4.79 -29.46 -12.69
N LYS B 416 -5.89 -29.11 -13.36
CA LYS B 416 -5.89 -28.19 -14.50
C LYS B 416 -6.54 -26.88 -13.99
N LEU B 417 -5.76 -25.81 -14.00
CA LEU B 417 -6.21 -24.49 -13.52
C LEU B 417 -6.69 -23.62 -14.68
N PHE B 418 -7.65 -22.73 -14.43
CA PHE B 418 -8.33 -22.05 -15.52
C PHE B 418 -7.54 -20.86 -16.05
N LEU B 419 -7.41 -20.76 -17.37
CA LEU B 419 -6.79 -19.62 -18.02
C LEU B 419 -7.87 -18.69 -18.62
N MET B 420 -7.69 -17.38 -18.48
CA MET B 420 -8.72 -16.39 -18.89
C MET B 420 -8.57 -15.88 -20.34
N ARG B 421 -7.42 -16.20 -20.95
CA ARG B 421 -7.16 -16.01 -22.40
C ARG B 421 -8.45 -16.04 -23.26
N ILE B 425 -5.34 -24.78 -24.02
CA ILE B 425 -5.41 -23.33 -23.83
C ILE B 425 -6.43 -22.81 -22.80
N PRO B 426 -7.63 -23.42 -22.71
CA PRO B 426 -8.50 -23.02 -21.58
C PRO B 426 -7.93 -23.16 -20.15
N TYR B 427 -6.83 -23.92 -20.00
CA TYR B 427 -6.35 -24.30 -18.67
C TYR B 427 -4.82 -24.39 -18.59
N LEU B 428 -4.29 -24.65 -17.39
CA LEU B 428 -2.84 -24.79 -17.21
C LEU B 428 -2.26 -26.19 -17.55
N ASN B 429 -2.01 -27.03 -16.55
CA ASN B 429 -1.10 -28.18 -16.79
C ASN B 429 -1.65 -29.54 -17.31
N LEU B 430 -2.62 -30.12 -16.62
CA LEU B 430 -2.94 -31.57 -16.73
C LEU B 430 -1.84 -32.31 -15.94
N GLU B 431 -1.18 -31.58 -15.03
CA GLU B 431 0.04 -32.04 -14.34
C GLU B 431 1.20 -32.24 -15.34
N GLY B 432 1.38 -31.23 -16.21
CA GLY B 432 2.40 -31.20 -17.26
C GLY B 432 2.04 -32.02 -18.49
N PRO B 433 2.54 -31.62 -19.68
CA PRO B 433 2.80 -30.23 -20.09
C PRO B 433 1.55 -29.75 -20.83
N ASP B 434 1.56 -28.50 -21.29
CA ASP B 434 0.31 -27.77 -21.56
C ASP B 434 -0.27 -28.01 -22.96
N LEU B 435 0.50 -27.62 -23.98
CA LEU B 435 0.09 -27.72 -25.38
C LEU B 435 0.81 -26.65 -26.16
N GLN B 436 0.63 -26.72 -27.47
CA GLN B 436 1.14 -25.73 -28.38
C GLN B 436 0.13 -25.67 -29.55
N PRO B 437 -0.89 -24.83 -29.43
CA PRO B 437 -1.99 -24.87 -30.39
C PRO B 437 -1.55 -24.33 -31.71
N LYS B 438 -2.40 -24.48 -32.72
CA LYS B 438 -2.10 -23.93 -34.04
C LYS B 438 -2.14 -22.40 -33.98
N ARG B 439 -0.95 -21.81 -33.94
CA ARG B 439 -0.78 -20.35 -33.97
C ARG B 439 -1.08 -19.72 -35.36
N ASP B 440 -1.34 -20.60 -36.33
CA ASP B 440 -1.45 -20.22 -37.72
C ASP B 440 -2.56 -19.23 -37.94
N HIS B 441 -3.80 -19.65 -37.70
CA HIS B 441 -4.99 -18.92 -38.15
C HIS B 441 -5.28 -17.58 -37.46
N VAL B 442 -4.26 -16.95 -36.92
CA VAL B 442 -4.47 -15.71 -36.22
C VAL B 442 -3.52 -14.61 -36.67
N LEU B 443 -4.07 -13.41 -36.70
CA LEU B 443 -3.32 -12.21 -37.03
C LEU B 443 -3.72 -11.11 -36.08
N HIS B 444 -2.80 -10.15 -35.93
CA HIS B 444 -2.96 -8.99 -35.09
C HIS B 444 -3.19 -7.78 -35.99
N VAL B 445 -4.05 -6.86 -35.54
CA VAL B 445 -4.40 -5.65 -36.31
C VAL B 445 -4.21 -4.34 -35.53
N THR B 446 -3.73 -3.30 -36.20
CA THR B 446 -3.69 -1.94 -35.64
C THR B 446 -4.69 -1.09 -36.40
N PHE B 447 -5.37 -0.18 -35.72
CA PHE B 447 -6.43 0.64 -36.33
C PHE B 447 -6.68 1.89 -35.49
N PRO B 448 -7.26 2.95 -36.13
CA PRO B 448 -7.82 4.12 -35.43
C PRO B 448 -8.79 3.80 -34.26
N LYS B 449 -8.70 4.64 -33.23
CA LYS B 449 -9.32 4.44 -31.92
C LYS B 449 -10.84 4.45 -31.93
N GLU B 450 -11.43 5.05 -32.96
CA GLU B 450 -12.88 5.29 -33.03
C GLU B 450 -13.71 4.03 -33.35
N TRP B 451 -13.03 2.98 -33.86
CA TRP B 451 -13.70 1.75 -34.33
C TRP B 451 -14.34 1.05 -33.16
N LYS B 452 -15.16 0.05 -33.45
CA LYS B 452 -15.86 -0.71 -32.43
C LYS B 452 -16.01 -2.15 -32.87
N THR B 453 -16.27 -3.06 -31.94
CA THR B 453 -16.43 -4.47 -32.24
C THR B 453 -17.12 -4.82 -33.59
N SER B 454 -18.19 -4.09 -33.94
CA SER B 454 -18.98 -4.35 -35.16
C SER B 454 -18.32 -3.80 -36.42
N ASP B 455 -17.53 -2.73 -36.27
CA ASP B 455 -16.61 -2.24 -37.32
C ASP B 455 -15.62 -3.33 -37.71
N LEU B 456 -15.15 -4.08 -36.69
CA LEU B 456 -14.17 -5.11 -36.87
C LEU B 456 -14.80 -6.31 -37.56
N TYR B 457 -16.01 -6.68 -37.17
CA TYR B 457 -16.74 -7.74 -37.86
C TYR B 457 -16.97 -7.35 -39.31
N GLN B 458 -17.29 -6.06 -39.53
CA GLN B 458 -17.45 -5.52 -40.88
C GLN B 458 -16.15 -5.80 -41.64
N LEU B 459 -15.04 -5.21 -41.22
CA LEU B 459 -13.75 -5.45 -41.88
C LEU B 459 -13.43 -6.92 -42.26
N PHE B 460 -13.93 -7.91 -41.53
CA PHE B 460 -13.60 -9.32 -41.84
C PHE B 460 -14.74 -10.24 -42.36
N SER B 461 -15.78 -9.63 -42.95
CA SER B 461 -16.95 -10.34 -43.45
C SER B 461 -16.59 -11.42 -44.45
N ALA B 462 -15.57 -11.14 -45.27
CA ALA B 462 -15.14 -12.05 -46.33
C ALA B 462 -14.93 -13.46 -45.80
N PHE B 463 -14.32 -13.56 -44.63
CA PHE B 463 -13.90 -14.85 -44.08
C PHE B 463 -14.89 -15.46 -43.08
N GLY B 464 -16.17 -15.08 -43.18
CA GLY B 464 -17.23 -15.67 -42.36
C GLY B 464 -17.15 -15.25 -40.91
N ASN B 465 -17.81 -15.99 -40.04
CA ASN B 465 -17.76 -15.73 -38.59
C ASN B 465 -16.31 -15.75 -38.07
N ILE B 466 -15.96 -14.80 -37.20
CA ILE B 466 -14.60 -14.80 -36.60
C ILE B 466 -14.60 -14.62 -35.09
N GLN B 467 -13.43 -14.85 -34.48
CA GLN B 467 -13.26 -14.73 -33.04
C GLN B 467 -12.26 -13.62 -32.71
N ILE B 468 -12.67 -12.67 -31.88
CA ILE B 468 -11.83 -11.53 -31.48
C ILE B 468 -11.32 -11.62 -30.02
N SER B 469 -10.15 -11.03 -29.77
CA SER B 469 -9.66 -10.81 -28.43
C SER B 469 -9.09 -9.41 -28.43
N TRP B 470 -9.87 -8.43 -27.95
CA TRP B 470 -9.38 -7.06 -27.87
C TRP B 470 -8.10 -7.06 -27.10
N ILE B 471 -7.08 -6.44 -27.64
CA ILE B 471 -5.85 -6.38 -26.87
C ILE B 471 -5.80 -5.01 -26.21
N ASP B 472 -6.34 -3.99 -26.87
CA ASP B 472 -6.17 -2.63 -26.40
C ASP B 472 -6.94 -1.57 -27.22
N ASP B 473 -6.97 -0.35 -26.72
CA ASP B 473 -7.57 0.79 -27.40
C ASP B 473 -7.58 0.80 -28.95
N THR B 474 -6.51 0.31 -29.57
CA THR B 474 -6.33 0.47 -31.03
C THR B 474 -5.86 -0.82 -31.69
N SER B 475 -6.02 -1.94 -30.98
CA SER B 475 -5.58 -3.22 -31.49
C SER B 475 -6.41 -4.36 -30.93
N ALA B 476 -6.33 -5.49 -31.61
CA ALA B 476 -7.01 -6.69 -31.22
C ALA B 476 -6.40 -7.80 -32.02
N PHE B 477 -6.51 -9.02 -31.50
CA PHE B 477 -6.19 -10.20 -32.29
C PHE B 477 -7.45 -10.64 -33.03
N VAL B 478 -7.26 -11.19 -34.23
CA VAL B 478 -8.36 -11.77 -34.99
C VAL B 478 -8.01 -13.19 -35.38
N SER B 479 -8.95 -14.07 -35.07
CA SER B 479 -8.83 -15.47 -35.34
C SER B 479 -9.69 -15.72 -36.56
N LEU B 480 -9.05 -16.18 -37.64
CA LEU B 480 -9.76 -16.52 -38.86
C LEU B 480 -9.90 -18.03 -38.94
N SER B 481 -10.91 -18.48 -39.70
CA SER B 481 -11.22 -19.92 -39.80
C SER B 481 -10.04 -20.77 -40.32
N GLN B 482 -9.65 -20.54 -41.57
CA GLN B 482 -8.52 -21.27 -42.20
C GLN B 482 -7.19 -20.52 -42.06
N PRO B 483 -6.13 -21.23 -41.64
CA PRO B 483 -4.76 -20.72 -41.72
C PRO B 483 -4.46 -19.84 -42.95
N GLU B 484 -4.79 -20.30 -44.16
CA GLU B 484 -4.51 -19.51 -45.38
C GLU B 484 -5.09 -18.08 -45.37
N GLN B 485 -6.35 -17.96 -44.92
CA GLN B 485 -7.13 -16.71 -44.93
C GLN B 485 -6.32 -15.50 -44.43
N VAL B 486 -5.48 -15.74 -43.42
CA VAL B 486 -4.57 -14.73 -42.87
C VAL B 486 -3.70 -14.09 -43.95
N GLN B 487 -3.12 -14.90 -44.84
CA GLN B 487 -2.30 -14.36 -45.92
C GLN B 487 -3.12 -13.44 -46.82
N ILE B 488 -4.29 -13.94 -47.22
CA ILE B 488 -5.15 -13.23 -48.16
C ILE B 488 -5.71 -11.96 -47.52
N ALA B 489 -5.93 -12.00 -46.20
CA ALA B 489 -6.22 -10.78 -45.43
C ALA B 489 -5.05 -9.80 -45.43
N VAL B 490 -3.82 -10.31 -45.39
CA VAL B 490 -2.63 -9.46 -45.40
C VAL B 490 -2.57 -8.70 -46.74
N ASN B 491 -2.75 -9.42 -47.84
CA ASN B 491 -2.75 -8.81 -49.16
C ASN B 491 -3.87 -7.80 -49.31
N THR B 492 -5.09 -8.18 -48.94
CA THR B 492 -6.18 -7.23 -48.88
C THR B 492 -5.93 -6.31 -47.70
N SER B 493 -5.21 -5.23 -47.92
CA SER B 493 -4.91 -4.29 -46.84
C SER B 493 -3.58 -3.65 -47.07
N LYS B 494 -2.91 -4.10 -48.13
CA LYS B 494 -1.82 -3.32 -48.69
C LYS B 494 -2.43 -2.02 -49.23
N TYR B 495 -3.70 -2.10 -49.64
CA TYR B 495 -4.40 -0.98 -50.31
C TYR B 495 -5.18 -0.03 -49.39
N ALA B 496 -5.04 -0.22 -48.08
CA ALA B 496 -5.83 0.56 -47.11
C ALA B 496 -4.98 1.14 -45.96
N GLU B 497 -5.25 2.39 -45.60
CA GLU B 497 -4.41 3.14 -44.65
C GLU B 497 -4.85 2.97 -43.22
N SER B 498 -6.15 3.13 -43.00
CA SER B 498 -6.81 3.04 -41.71
C SER B 498 -6.19 2.01 -40.77
N TYR B 499 -6.37 0.74 -41.10
CA TYR B 499 -5.89 -0.33 -40.24
C TYR B 499 -4.54 -0.84 -40.69
N ARG B 500 -4.04 -1.87 -40.01
CA ARG B 500 -2.80 -2.55 -40.37
C ARG B 500 -2.85 -4.02 -39.91
N ILE B 501 -1.99 -4.86 -40.48
CA ILE B 501 -2.03 -6.29 -40.18
C ILE B 501 -0.66 -6.95 -40.17
N GLN B 502 -0.42 -7.80 -39.18
CA GLN B 502 0.69 -8.76 -39.22
C GLN B 502 0.13 -10.11 -38.88
N THR B 503 0.89 -11.16 -39.22
CA THR B 503 0.56 -12.52 -38.80
C THR B 503 0.86 -12.59 -37.32
N TYR B 504 0.29 -13.58 -36.64
CA TYR B 504 0.58 -13.67 -35.22
C TYR B 504 2.10 -13.66 -35.03
N ALA B 505 2.81 -14.43 -35.85
CA ALA B 505 4.28 -14.42 -35.87
C ALA B 505 4.91 -13.01 -36.06
N GLU B 506 5.42 -12.50 -34.94
CA GLU B 506 6.11 -11.21 -34.81
C GLU B 506 6.39 -11.00 -33.31
N TYR B 507 6.98 -9.86 -32.96
CA TYR B 507 7.47 -9.66 -31.59
C TYR B 507 7.20 -8.24 -31.10
P 7MG C . 15.27 11.38 17.65
OP1 7MG C . 15.10 11.39 19.13
OP2 7MG C . 16.35 12.11 16.93
O5' 7MG C . 15.43 9.89 17.15
C5' 7MG C . 16.75 9.52 17.12
C4' 7MG C . 16.92 8.02 17.14
O4' 7MG C . 18.04 7.75 18.00
C3' 7MG C . 15.75 7.16 17.60
O3' 7MG C . 15.75 6.06 16.75
C2' 7MG C . 16.15 6.66 18.97
O2' 7MG C . 16.17 5.25 19.03
C1' 7MG C . 17.59 7.08 19.14
N9 7MG C . 17.71 7.88 20.33
C8 7MG C . 17.22 9.14 20.58
N7 7MG C . 17.49 9.52 21.80
C5 7MG C . 18.20 8.45 22.34
C6 7MG C . 18.73 8.30 23.61
O6 7MG C . 18.71 9.12 24.55
N1 7MG C . 19.37 7.07 23.76
C2 7MG C . 19.48 6.09 22.81
N2 7MG C . 20.15 4.97 23.18
N3 7MG C . 18.95 6.23 21.59
C4 7MG C . 18.33 7.44 21.45
CM7 7MG C . 17.24 10.80 22.46
PB GDP D . 12.64 10.63 16.50
O1B GDP D . 12.84 9.48 15.56
O2B GDP D . 12.93 10.17 17.91
O3B GDP D . 13.52 11.75 16.02
O3A GDP D . 11.11 11.09 16.52
PA GDP D . 10.65 12.57 16.14
O1A GDP D . 9.21 12.77 16.62
O2A GDP D . 11.57 13.67 16.62
O5' GDP D . 10.66 12.42 14.55
C5' GDP D . 9.93 11.32 14.01
C4' GDP D . 9.38 11.66 12.65
O4' GDP D . 10.44 11.63 11.70
C3' GDP D . 8.39 10.61 12.22
O3' GDP D . 7.11 11.22 12.31
C2' GDP D . 8.76 10.23 10.80
O2' GDP D . 7.75 10.63 9.88
C1' GDP D . 10.01 11.01 10.49
N9 GDP D . 11.08 10.14 9.93
C8 GDP D . 11.16 8.79 9.98
N7 GDP D . 12.26 8.33 9.33
C5 GDP D . 12.91 9.40 8.86
C6 GDP D . 14.14 9.65 8.07
O6 GDP D . 14.86 8.70 7.71
N1 GDP D . 14.49 10.90 7.77
C2 GDP D . 13.73 11.93 8.16
N2 GDP D . 14.15 13.17 7.82
N3 GDP D . 12.58 11.80 8.87
C4 GDP D . 12.13 10.58 9.24
P 7MG E . -12.27 -6.39 -23.91
OP1 7MG E . -13.60 -6.58 -24.56
OP2 7MG E . -11.18 -7.34 -24.24
O5' 7MG E . -11.74 -4.87 -23.96
C5' 7MG E . -10.35 -4.63 -23.70
C4' 7MG E . -9.83 -3.34 -24.32
O4' 7MG E . -10.15 -3.21 -25.72
C3' 7MG E . -10.47 -2.08 -23.78
O3' 7MG E . -9.88 -1.84 -22.55
C2' 7MG E . -10.10 -1.03 -24.81
O2' 7MG E . -8.90 -0.30 -24.58
C1' 7MG E . -9.93 -1.85 -26.08
N9 7MG E . -10.86 -1.30 -27.08
C8 7MG E . -10.67 -0.25 -27.98
N7 7MG E . -11.72 0.02 -28.72
C5 7MG E . -12.67 -0.90 -28.25
C6 7MG E . -14.00 -1.12 -28.64
O6 7MG E . -14.60 -0.51 -29.51
N1 7MG E . -14.60 -2.17 -27.93
C2 7MG E . -13.97 -2.91 -26.94
N2 7MG E . -14.65 -3.88 -26.32
N3 7MG E . -12.73 -2.71 -26.56
C4 7MG E . -12.16 -1.71 -27.25
CM7 7MG E . -11.73 0.84 -29.93
PB GDP F . -14.22 -7.15 -21.59
O1B GDP F . -13.84 -8.43 -22.34
O2B GDP F . -14.50 -7.40 -20.13
O3B GDP F . -13.06 -6.19 -21.63
O3A GDP F . -15.54 -6.49 -22.28
PA GDP F . -16.25 -5.26 -21.53
O1A GDP F . -17.34 -4.61 -22.37
O2A GDP F . -16.78 -5.68 -20.18
O5' GDP F . -15.02 -4.25 -21.34
C5' GDP F . -14.30 -3.78 -22.48
C4' GDP F . -13.73 -2.46 -22.04
O4' GDP F . -13.52 -1.63 -23.17
C3' GDP F . -14.78 -1.80 -21.15
O3' GDP F . -14.22 -1.53 -19.85
C2' GDP F . -15.20 -0.55 -21.90
O2' GDP F . -15.26 0.59 -21.02
C1' GDP F . -14.17 -0.38 -23.01
N9 GDP F . -14.78 0.06 -24.30
C8 GDP F . -16.01 -0.28 -24.75
N7 GDP F . -16.25 0.33 -25.95
C5 GDP F . -15.17 1.07 -26.27
C6 GDP F . -14.75 1.95 -27.40
O6 GDP F . -15.48 2.18 -28.38
N1 GDP F . -13.53 2.52 -27.33
C2 GDP F . -12.68 2.32 -26.29
N2 GDP F . -11.48 2.94 -26.32
N3 GDP F . -13.00 1.52 -25.23
C4 GDP F . -14.20 0.87 -25.17
#